data_5U7N
#
_entry.id   5U7N
#
_cell.length_a   94.352
_cell.length_b   100.701
_cell.length_c   101.103
_cell.angle_alpha   90.000
_cell.angle_beta   90.000
_cell.angle_gamma   90.000
#
_symmetry.space_group_name_H-M   'P 21 21 21'
#
loop_
_entity.id
_entity.type
_entity.pdbx_description
1 polymer 'Cytochrome c oxidase subunit 2'
2 non-polymer 'COPPER (II) ION'
3 non-polymer (4S)-2-METHYL-2,4-PENTANEDIOL
4 water water
#
_entity_poly.entity_id   1
_entity_poly.type   'polypeptide(L)'
_entity_poly.pdbx_seq_one_letter_code
;GSHMVIPAGKLERVDPTTVRQEGPWADPAQAVVQTGPNQYTVYVLAFAFGYQPNPIEVPQGAEIVFKITSPDVIHGFHVE
GTNINVEVLPGEVSTVRYTFKRPGEYRIICTPHPFMFGTIVVKE
;
_entity_poly.pdbx_strand_id   A,B,C,D,E,F,G,H
#
# COMPACT_ATOMS: atom_id res chain seq x y z
N LYS A 10 -28.16 14.91 30.09
CA LYS A 10 -28.09 14.10 28.86
C LYS A 10 -26.94 13.08 28.95
N LEU A 11 -25.75 13.52 29.40
CA LEU A 11 -24.57 12.66 29.52
C LEU A 11 -24.52 11.96 30.88
N GLU A 12 -24.16 10.65 30.88
CA GLU A 12 -23.94 9.76 32.03
C GLU A 12 -22.86 10.33 32.93
N ARG A 13 -23.04 10.25 34.25
CA ARG A 13 -22.06 10.75 35.18
C ARG A 13 -21.15 9.65 35.72
N VAL A 14 -19.89 10.01 35.98
CA VAL A 14 -18.85 9.17 36.57
C VAL A 14 -18.04 10.03 37.50
N ASP A 15 -17.46 9.42 38.54
CA ASP A 15 -16.58 10.11 39.47
C ASP A 15 -15.18 10.20 38.82
N PRO A 16 -14.69 11.41 38.41
CA PRO A 16 -13.35 11.48 37.74
C PRO A 16 -12.18 11.12 38.65
N THR A 17 -12.38 11.22 39.99
CA THR A 17 -11.34 10.95 40.99
C THR A 17 -11.10 9.44 41.17
N THR A 18 -12.05 8.58 40.77
CA THR A 18 -11.92 7.12 40.94
C THR A 18 -11.95 6.32 39.59
N VAL A 19 -12.16 7.02 38.46
CA VAL A 19 -12.30 6.46 37.11
C VAL A 19 -11.06 5.62 36.68
N ARG A 20 -9.85 5.98 37.18
CA ARG A 20 -8.61 5.25 36.89
C ARG A 20 -8.35 4.09 37.85
N GLN A 21 -9.12 3.98 38.95
CA GLN A 21 -8.87 2.92 39.94
C GLN A 21 -9.93 1.85 39.97
N GLU A 22 -11.18 2.21 39.65
CA GLU A 22 -12.28 1.26 39.70
C GLU A 22 -13.29 1.55 38.63
N GLY A 23 -13.86 0.50 38.06
CA GLY A 23 -14.84 0.66 37.00
C GLY A 23 -14.31 0.28 35.63
N PRO A 24 -15.09 0.60 34.57
CA PRO A 24 -14.71 0.12 33.22
C PRO A 24 -13.50 0.78 32.54
N TRP A 25 -13.01 1.91 33.06
CA TRP A 25 -11.83 2.57 32.49
C TRP A 25 -10.54 2.28 33.30
N ALA A 26 -10.63 1.52 34.42
CA ALA A 26 -9.47 1.25 35.29
C ALA A 26 -8.41 0.38 34.60
N ASP A 27 -8.84 -0.64 33.85
CA ASP A 27 -7.97 -1.58 33.18
C ASP A 27 -8.07 -1.45 31.65
N PRO A 28 -7.06 -0.82 31.00
CA PRO A 28 -7.10 -0.65 29.53
C PRO A 28 -7.07 -1.98 28.74
N ALA A 29 -6.65 -3.09 29.37
CA ALA A 29 -6.65 -4.41 28.73
C ALA A 29 -8.07 -4.97 28.62
N GLN A 30 -9.03 -4.34 29.33
CA GLN A 30 -10.43 -4.75 29.33
C GLN A 30 -11.33 -3.63 28.77
N ALA A 31 -10.75 -2.73 27.96
CA ALA A 31 -11.46 -1.62 27.34
C ALA A 31 -12.51 -2.03 26.31
N VAL A 32 -12.28 -3.15 25.60
CA VAL A 32 -13.17 -3.66 24.55
C VAL A 32 -14.00 -4.81 25.11
N VAL A 33 -15.32 -4.58 25.19
CA VAL A 33 -16.27 -5.54 25.72
C VAL A 33 -17.29 -5.87 24.62
N GLN A 34 -17.45 -7.14 24.33
CA GLN A 34 -18.44 -7.59 23.36
C GLN A 34 -19.80 -7.55 24.03
N THR A 35 -20.73 -6.78 23.49
CA THR A 35 -22.07 -6.60 24.05
C THR A 35 -23.13 -7.03 23.01
N GLY A 36 -22.86 -8.18 22.35
CA GLY A 36 -23.71 -8.67 21.27
C GLY A 36 -22.95 -9.39 20.17
N PRO A 37 -23.66 -10.06 19.21
CA PRO A 37 -22.93 -10.86 18.20
C PRO A 37 -22.01 -10.02 17.29
N ASN A 38 -22.45 -8.84 16.85
CA ASN A 38 -21.56 -8.00 16.03
C ASN A 38 -21.43 -6.59 16.68
N GLN A 39 -21.32 -6.58 18.03
CA GLN A 39 -21.37 -5.36 18.81
C GLN A 39 -20.35 -5.29 19.91
N TYR A 40 -19.61 -4.17 19.96
CA TYR A 40 -18.58 -3.95 20.97
C TYR A 40 -18.73 -2.58 21.61
N THR A 41 -18.59 -2.55 22.95
CA THR A 41 -18.50 -1.31 23.72
C THR A 41 -16.99 -1.10 23.99
N VAL A 42 -16.49 0.13 23.74
CA VAL A 42 -15.09 0.45 23.96
C VAL A 42 -15.00 1.59 24.97
N TYR A 43 -14.37 1.32 26.12
CA TYR A 43 -14.16 2.32 27.17
C TYR A 43 -12.86 3.04 26.88
N VAL A 44 -12.97 4.30 26.49
CA VAL A 44 -11.85 5.14 26.13
C VAL A 44 -11.62 6.19 27.23
N LEU A 45 -10.38 6.31 27.71
CA LEU A 45 -9.99 7.34 28.63
C LEU A 45 -9.18 8.38 27.84
N ALA A 46 -9.68 9.64 27.83
CA ALA A 46 -8.99 10.77 27.23
C ALA A 46 -8.37 11.52 28.42
N PHE A 47 -7.04 11.46 28.55
CA PHE A 47 -6.30 12.01 29.68
C PHE A 47 -5.17 12.93 29.18
N ALA A 48 -4.51 13.66 30.11
CA ALA A 48 -3.43 14.55 29.77
C ALA A 48 -2.10 13.74 29.67
N PHE A 49 -1.55 13.54 28.45
CA PHE A 49 -2.07 13.96 27.13
C PHE A 49 -1.96 12.79 26.18
N GLY A 50 -2.97 11.95 26.22
CA GLY A 50 -3.07 10.77 25.38
C GLY A 50 -4.38 10.06 25.52
N TYR A 51 -4.46 8.90 24.87
CA TYR A 51 -5.65 8.08 24.87
C TYR A 51 -5.37 6.71 25.38
N GLN A 52 -6.36 6.17 26.09
CA GLN A 52 -6.30 4.81 26.65
C GLN A 52 -7.58 4.05 26.22
N PRO A 53 -7.49 2.86 25.57
CA PRO A 53 -6.26 2.16 25.16
C PRO A 53 -5.66 2.84 23.93
N ASN A 54 -4.41 2.50 23.62
CA ASN A 54 -3.71 3.01 22.45
C ASN A 54 -2.76 1.92 21.95
N PRO A 55 -3.06 1.29 20.80
CA PRO A 55 -4.22 1.56 19.92
C PRO A 55 -5.53 0.93 20.41
N ILE A 56 -6.66 1.47 19.91
CA ILE A 56 -7.98 0.87 20.08
C ILE A 56 -8.07 -0.10 18.93
N GLU A 57 -8.43 -1.37 19.18
CA GLU A 57 -8.53 -2.36 18.12
C GLU A 57 -9.95 -2.86 18.03
N VAL A 58 -10.59 -2.64 16.86
CA VAL A 58 -11.98 -3.06 16.62
C VAL A 58 -12.11 -3.82 15.29
N PRO A 59 -13.01 -4.83 15.17
CA PRO A 59 -13.17 -5.47 13.84
C PRO A 59 -13.99 -4.59 12.91
N GLN A 60 -13.74 -4.69 11.60
CA GLN A 60 -14.53 -3.96 10.61
C GLN A 60 -15.95 -4.52 10.54
N GLY A 61 -16.89 -3.64 10.18
CA GLY A 61 -18.29 -3.99 10.05
C GLY A 61 -19.03 -4.19 11.35
N ALA A 62 -18.33 -4.04 12.48
CA ALA A 62 -18.94 -4.20 13.81
C ALA A 62 -19.48 -2.90 14.30
N GLU A 63 -20.57 -2.96 15.04
CA GLU A 63 -21.15 -1.75 15.66
C GLU A 63 -20.35 -1.45 16.89
N ILE A 64 -19.71 -0.27 16.91
CA ILE A 64 -18.88 0.11 18.04
C ILE A 64 -19.60 1.20 18.83
N VAL A 65 -19.63 1.02 20.15
CA VAL A 65 -20.18 2.00 21.08
C VAL A 65 -19.01 2.51 21.93
N PHE A 66 -18.47 3.67 21.56
CA PHE A 66 -17.39 4.31 22.33
C PHE A 66 -17.96 4.99 23.55
N LYS A 67 -17.37 4.73 24.73
CA LYS A 67 -17.75 5.34 26.02
C LYS A 67 -16.52 6.07 26.50
N ILE A 68 -16.49 7.39 26.29
CA ILE A 68 -15.30 8.20 26.52
C ILE A 68 -15.45 9.16 27.69
N THR A 69 -14.44 9.20 28.52
CA THR A 69 -14.40 10.05 29.66
C THR A 69 -12.99 10.59 29.97
N SER A 70 -12.92 11.63 30.76
CA SER A 70 -11.69 12.26 31.18
C SER A 70 -11.45 12.27 32.68
N PRO A 71 -10.18 11.96 33.11
CA PRO A 71 -9.96 12.04 34.55
C PRO A 71 -9.37 13.40 34.95
N ASP A 72 -9.16 14.29 34.00
CA ASP A 72 -8.58 15.57 34.31
C ASP A 72 -9.24 16.82 33.75
N VAL A 73 -8.95 17.15 32.52
CA VAL A 73 -9.47 18.31 31.87
C VAL A 73 -10.25 17.93 30.64
N ILE A 74 -10.85 18.90 29.99
CA ILE A 74 -11.54 18.66 28.74
C ILE A 74 -10.58 18.24 27.64
N HIS A 75 -11.00 17.27 26.89
CA HIS A 75 -10.27 16.77 25.74
C HIS A 75 -11.26 16.64 24.57
N GLY A 76 -10.74 16.48 23.37
CA GLY A 76 -11.55 16.26 22.17
C GLY A 76 -11.36 14.84 21.72
N PHE A 77 -12.36 14.28 21.02
CA PHE A 77 -12.26 12.92 20.47
C PHE A 77 -12.76 12.99 19.03
N HIS A 78 -11.84 13.20 18.08
CA HIS A 78 -12.23 13.22 16.67
C HIS A 78 -11.44 12.17 15.92
N VAL A 79 -12.14 11.32 15.23
CA VAL A 79 -11.48 10.28 14.43
C VAL A 79 -11.36 10.81 12.99
N GLU A 80 -10.12 11.02 12.52
CA GLU A 80 -9.88 11.57 11.18
C GLU A 80 -10.46 10.65 10.11
N GLY A 81 -11.08 11.26 9.10
CA GLY A 81 -11.74 10.56 8.00
C GLY A 81 -13.15 10.09 8.34
N THR A 82 -13.70 10.52 9.50
CA THR A 82 -15.06 10.17 9.96
C THR A 82 -15.76 11.43 10.49
N ASN A 83 -17.06 11.31 10.79
CA ASN A 83 -17.87 12.39 11.38
C ASN A 83 -17.87 12.28 12.91
N ILE A 84 -17.00 11.41 13.48
CA ILE A 84 -16.85 11.31 14.95
C ILE A 84 -16.08 12.54 15.40
N ASN A 85 -16.75 13.43 16.12
CA ASN A 85 -16.19 14.71 16.59
C ASN A 85 -16.94 15.08 17.86
N VAL A 86 -16.37 14.69 18.98
CA VAL A 86 -17.04 14.85 20.26
C VAL A 86 -16.13 15.49 21.30
N GLU A 87 -16.76 16.19 22.23
CA GLU A 87 -16.07 16.79 23.36
C GLU A 87 -16.07 15.76 24.53
N VAL A 88 -14.98 15.71 25.30
CA VAL A 88 -14.84 14.77 26.41
C VAL A 88 -14.67 15.61 27.64
N LEU A 89 -15.59 15.49 28.61
CA LEU A 89 -15.58 16.28 29.84
C LEU A 89 -15.33 15.42 31.08
N PRO A 90 -14.48 15.91 32.03
CA PRO A 90 -14.27 15.15 33.28
C PRO A 90 -15.58 14.93 34.04
N GLY A 91 -15.81 13.70 34.49
CA GLY A 91 -17.03 13.35 35.22
C GLY A 91 -18.22 13.01 34.35
N GLU A 92 -18.09 13.11 33.03
CA GLU A 92 -19.18 12.82 32.08
C GLU A 92 -18.72 11.80 31.05
N VAL A 93 -19.65 10.96 30.60
CA VAL A 93 -19.39 9.93 29.61
C VAL A 93 -19.93 10.39 28.27
N SER A 94 -19.07 10.50 27.26
CA SER A 94 -19.47 10.80 25.87
C SER A 94 -19.66 9.47 25.16
N THR A 95 -20.82 9.25 24.55
CA THR A 95 -21.15 8.03 23.81
C THR A 95 -21.18 8.33 22.32
N VAL A 96 -20.40 7.55 21.56
CA VAL A 96 -20.29 7.64 20.08
C VAL A 96 -20.53 6.25 19.50
N ARG A 97 -21.49 6.14 18.59
CA ARG A 97 -21.83 4.89 17.91
C ARG A 97 -21.35 5.01 16.48
N TYR A 98 -20.53 4.04 16.03
CA TYR A 98 -19.95 4.05 14.70
C TYR A 98 -19.65 2.64 14.21
N THR A 99 -19.76 2.43 12.91
CA THR A 99 -19.42 1.18 12.27
C THR A 99 -18.33 1.49 11.26
N PHE A 100 -17.13 0.96 11.48
CA PHE A 100 -15.99 1.16 10.58
C PHE A 100 -16.09 0.17 9.44
N LYS A 101 -16.26 0.68 8.22
CA LYS A 101 -16.43 -0.18 7.04
C LYS A 101 -15.12 -0.40 6.29
N ARG A 102 -14.08 0.38 6.60
CA ARG A 102 -12.78 0.25 5.95
C ARG A 102 -11.71 -0.18 6.95
N PRO A 103 -11.01 -1.32 6.75
CA PRO A 103 -9.91 -1.67 7.69
C PRO A 103 -8.74 -0.71 7.52
N GLY A 104 -7.91 -0.62 8.55
CA GLY A 104 -6.74 0.24 8.55
C GLY A 104 -6.59 1.04 9.82
N GLU A 105 -5.69 2.01 9.80
CA GLU A 105 -5.39 2.85 10.95
C GLU A 105 -5.98 4.23 10.81
N TYR A 106 -6.61 4.69 11.87
CA TYR A 106 -7.26 5.99 11.96
C TYR A 106 -6.63 6.76 13.10
N ARG A 107 -6.40 8.03 12.90
CA ARG A 107 -5.86 8.88 13.93
C ARG A 107 -6.98 9.57 14.73
N ILE A 108 -6.81 9.61 16.05
CA ILE A 108 -7.66 10.29 17.02
C ILE A 108 -6.98 11.61 17.34
N ILE A 109 -7.74 12.70 17.17
CA ILE A 109 -7.27 14.07 17.32
C ILE A 109 -8.00 14.80 18.45
N CYS A 110 -7.24 15.53 19.27
CA CYS A 110 -7.73 16.42 20.32
C CYS A 110 -7.42 17.85 19.88
N THR A 111 -8.48 18.66 19.72
CA THR A 111 -8.39 20.06 19.26
C THR A 111 -7.60 20.94 20.29
N PRO A 112 -7.92 20.99 21.60
CA PRO A 112 -7.11 21.84 22.50
C PRO A 112 -5.63 21.43 22.64
N HIS A 113 -5.32 20.13 22.52
CA HIS A 113 -3.95 19.63 22.69
C HIS A 113 -3.44 19.00 21.37
N PRO A 114 -2.75 19.79 20.51
CA PRO A 114 -2.36 19.26 19.19
C PRO A 114 -1.24 18.20 19.22
N PHE A 115 -0.63 17.96 20.38
CA PHE A 115 0.44 16.99 20.61
C PHE A 115 -0.14 15.67 21.16
N MET A 116 -1.44 15.69 21.40
CA MET A 116 -2.18 14.57 21.93
C MET A 116 -2.74 13.76 20.77
N PHE A 117 -2.30 12.49 20.65
CA PHE A 117 -2.74 11.62 19.57
C PHE A 117 -3.10 10.23 20.00
N GLY A 118 -4.06 9.66 19.31
CA GLY A 118 -4.49 8.30 19.56
C GLY A 118 -4.59 7.58 18.25
N THR A 119 -4.76 6.26 18.34
CA THR A 119 -4.83 5.40 17.17
C THR A 119 -5.96 4.41 17.34
N ILE A 120 -6.71 4.21 16.26
CA ILE A 120 -7.70 3.17 16.12
C ILE A 120 -7.20 2.29 15.02
N VAL A 121 -7.19 0.96 15.27
CA VAL A 121 -6.87 -0.04 14.26
C VAL A 121 -8.16 -0.80 13.99
N VAL A 122 -8.66 -0.74 12.77
CA VAL A 122 -9.84 -1.55 12.46
C VAL A 122 -9.34 -2.73 11.62
N LYS A 123 -9.54 -3.92 12.17
CA LYS A 123 -9.06 -5.19 11.64
C LYS A 123 -10.00 -5.75 10.59
N GLU A 124 -9.40 -6.46 9.60
CA GLU A 124 -10.12 -7.10 8.51
C GLU A 124 -11.03 -8.24 9.00
N GLY B 9 -13.16 -16.56 2.98
CA GLY B 9 -12.60 -15.74 4.05
C GLY B 9 -13.51 -14.61 4.49
N LYS B 10 -12.97 -13.65 5.31
CA LYS B 10 -13.72 -12.49 5.81
C LYS B 10 -14.21 -11.58 4.68
N LEU B 11 -15.25 -10.78 4.96
CA LEU B 11 -15.86 -9.88 4.00
C LEU B 11 -14.86 -8.78 3.55
N GLU B 12 -14.74 -8.61 2.25
CA GLU B 12 -13.90 -7.59 1.66
C GLU B 12 -14.78 -6.42 1.29
N ARG B 13 -14.59 -5.33 2.03
CA ARG B 13 -15.37 -4.12 1.87
C ARG B 13 -14.60 -3.09 1.07
N VAL B 14 -15.33 -2.29 0.29
CA VAL B 14 -14.80 -1.22 -0.57
C VAL B 14 -15.78 -0.05 -0.55
N ASP B 15 -15.28 1.17 -0.78
CA ASP B 15 -16.13 2.36 -0.87
C ASP B 15 -16.68 2.41 -2.32
N PRO B 16 -18.01 2.21 -2.54
CA PRO B 16 -18.52 2.22 -3.92
C PRO B 16 -18.42 3.59 -4.62
N THR B 17 -18.36 4.69 -3.83
CA THR B 17 -18.30 6.05 -4.39
C THR B 17 -16.90 6.41 -4.93
N THR B 18 -15.83 5.67 -4.54
CA THR B 18 -14.46 5.97 -4.95
C THR B 18 -13.78 4.82 -5.73
N VAL B 19 -14.51 3.73 -5.95
CA VAL B 19 -14.01 2.53 -6.60
C VAL B 19 -13.52 2.80 -8.07
N ARG B 20 -14.15 3.80 -8.79
CA ARG B 20 -13.73 4.22 -10.14
C ARG B 20 -12.45 5.06 -10.13
N GLN B 21 -12.11 5.65 -8.98
CA GLN B 21 -10.99 6.60 -8.91
C GLN B 21 -9.76 6.12 -8.17
N GLU B 22 -9.95 5.20 -7.23
CA GLU B 22 -8.84 4.67 -6.43
C GLU B 22 -9.03 3.19 -6.17
N GLY B 23 -7.93 2.47 -6.20
CA GLY B 23 -7.91 1.05 -5.92
C GLY B 23 -7.73 0.19 -7.15
N PRO B 24 -7.87 -1.13 -7.01
CA PRO B 24 -7.62 -2.04 -8.15
C PRO B 24 -8.66 -2.04 -9.29
N TRP B 25 -9.82 -1.39 -9.13
CA TRP B 25 -10.85 -1.29 -10.19
C TRP B 25 -10.79 0.07 -10.92
N ALA B 26 -9.91 1.00 -10.51
CA ALA B 26 -9.84 2.35 -11.09
C ALA B 26 -9.36 2.34 -12.54
N ASP B 27 -8.33 1.53 -12.83
CA ASP B 27 -7.73 1.43 -14.16
C ASP B 27 -8.05 0.07 -14.82
N PRO B 28 -8.99 0.03 -15.79
CA PRO B 28 -9.34 -1.26 -16.44
C PRO B 28 -8.18 -1.88 -17.24
N ALA B 29 -7.13 -1.09 -17.59
CA ALA B 29 -5.96 -1.61 -18.29
C ALA B 29 -5.07 -2.41 -17.34
N GLN B 30 -5.33 -2.34 -16.02
CA GLN B 30 -4.58 -3.05 -14.99
C GLN B 30 -5.46 -4.06 -14.24
N ALA B 31 -6.58 -4.47 -14.88
CA ALA B 31 -7.55 -5.39 -14.29
C ALA B 31 -6.99 -6.81 -14.09
N VAL B 32 -6.06 -7.26 -14.97
CA VAL B 32 -5.50 -8.61 -14.95
C VAL B 32 -4.09 -8.60 -14.36
N VAL B 33 -3.95 -9.24 -13.19
CA VAL B 33 -2.69 -9.30 -12.44
C VAL B 33 -2.29 -10.76 -12.21
N GLN B 34 -1.04 -11.17 -12.53
CA GLN B 34 -0.58 -12.53 -12.24
C GLN B 34 -0.27 -12.64 -10.75
N THR B 35 -0.94 -13.57 -10.05
CA THR B 35 -0.80 -13.70 -8.60
C THR B 35 -0.29 -15.08 -8.15
N GLY B 36 0.03 -15.94 -9.10
CA GLY B 36 0.59 -17.25 -8.83
C GLY B 36 1.28 -17.81 -10.05
N PRO B 37 2.04 -18.94 -9.94
CA PRO B 37 2.70 -19.51 -11.14
C PRO B 37 1.73 -19.77 -12.30
N ASN B 38 0.48 -20.19 -11.99
CA ASN B 38 -0.55 -20.44 -13.01
C ASN B 38 -1.85 -19.78 -12.54
N GLN B 39 -1.74 -18.56 -11.99
CA GLN B 39 -2.94 -17.90 -11.49
C GLN B 39 -2.94 -16.41 -11.80
N TYR B 40 -4.12 -15.91 -12.20
CA TYR B 40 -4.39 -14.50 -12.47
C TYR B 40 -5.56 -14.02 -11.65
N THR B 41 -5.44 -12.80 -11.10
CA THR B 41 -6.54 -12.13 -10.41
C THR B 41 -7.08 -11.10 -11.39
N VAL B 42 -8.41 -11.07 -11.55
CA VAL B 42 -9.06 -10.15 -12.47
C VAL B 42 -10.04 -9.27 -11.71
N TYR B 43 -9.79 -7.96 -11.69
CA TYR B 43 -10.64 -6.98 -11.05
C TYR B 43 -11.73 -6.56 -12.02
N VAL B 44 -12.96 -6.99 -11.73
CA VAL B 44 -14.12 -6.74 -12.57
C VAL B 44 -15.03 -5.75 -11.88
N LEU B 45 -15.44 -4.74 -12.61
CA LEU B 45 -16.44 -3.80 -12.17
C LEU B 45 -17.76 -4.11 -12.91
N ALA B 46 -18.79 -4.47 -12.14
CA ALA B 46 -20.13 -4.71 -12.67
C ALA B 46 -20.94 -3.46 -12.34
N PHE B 47 -21.31 -2.67 -13.37
CA PHE B 47 -22.01 -1.41 -13.15
C PHE B 47 -23.30 -1.34 -13.97
N ALA B 48 -24.09 -0.26 -13.83
CA ALA B 48 -25.32 -0.06 -14.60
C ALA B 48 -24.97 0.58 -15.97
N PHE B 49 -25.05 -0.18 -17.10
CA PHE B 49 -25.43 -1.60 -17.18
C PHE B 49 -24.44 -2.31 -18.10
N GLY B 50 -23.30 -2.69 -17.54
CA GLY B 50 -22.22 -3.34 -18.28
C GLY B 50 -21.08 -3.77 -17.37
N TYR B 51 -19.99 -4.21 -17.99
CA TYR B 51 -18.85 -4.73 -17.23
C TYR B 51 -17.57 -4.07 -17.68
N GLN B 52 -16.63 -3.96 -16.74
CA GLN B 52 -15.30 -3.42 -16.99
C GLN B 52 -14.28 -4.40 -16.36
N PRO B 53 -13.23 -4.83 -17.10
CA PRO B 53 -12.94 -4.52 -18.52
C PRO B 53 -13.91 -5.28 -19.44
N ASN B 54 -13.96 -4.88 -20.69
CA ASN B 54 -14.81 -5.53 -21.70
C ASN B 54 -14.14 -5.40 -23.06
N PRO B 55 -13.56 -6.50 -23.59
CA PRO B 55 -13.58 -7.87 -23.02
C PRO B 55 -12.55 -8.11 -21.91
N ILE B 56 -12.81 -9.14 -21.09
CA ILE B 56 -11.87 -9.67 -20.12
C ILE B 56 -11.01 -10.64 -20.90
N GLU B 57 -9.68 -10.51 -20.86
CA GLU B 57 -8.80 -11.39 -21.61
C GLU B 57 -7.95 -12.21 -20.69
N VAL B 58 -8.10 -13.51 -20.73
CA VAL B 58 -7.37 -14.43 -19.84
C VAL B 58 -6.82 -15.61 -20.64
N PRO B 59 -5.68 -16.21 -20.23
CA PRO B 59 -5.21 -17.39 -20.96
C PRO B 59 -5.95 -18.67 -20.53
N GLN B 60 -6.06 -19.64 -21.43
CA GLN B 60 -6.68 -20.92 -21.06
C GLN B 60 -5.77 -21.69 -20.08
N GLY B 61 -6.37 -22.55 -19.26
CA GLY B 61 -5.65 -23.40 -18.35
C GLY B 61 -5.08 -22.74 -17.10
N ALA B 62 -5.31 -21.45 -16.90
CA ALA B 62 -4.85 -20.76 -15.71
C ALA B 62 -5.98 -20.58 -14.74
N GLU B 63 -5.66 -20.64 -13.45
CA GLU B 63 -6.68 -20.36 -12.47
C GLU B 63 -6.96 -18.86 -12.47
N ILE B 64 -8.22 -18.50 -12.59
CA ILE B 64 -8.61 -17.09 -12.62
C ILE B 64 -9.41 -16.80 -11.38
N VAL B 65 -8.96 -15.79 -10.63
CA VAL B 65 -9.62 -15.33 -9.42
C VAL B 65 -10.30 -14.01 -9.76
N PHE B 66 -11.59 -14.06 -10.05
CA PHE B 66 -12.37 -12.85 -10.32
C PHE B 66 -12.69 -12.15 -9.01
N LYS B 67 -12.42 -10.84 -8.93
CA LYS B 67 -12.71 -9.95 -7.79
C LYS B 67 -13.67 -8.92 -8.34
N ILE B 68 -14.97 -9.12 -8.04
CA ILE B 68 -16.04 -8.33 -8.62
C ILE B 68 -16.73 -7.43 -7.60
N THR B 69 -16.92 -6.16 -7.99
CA THR B 69 -17.64 -5.20 -7.15
C THR B 69 -18.48 -4.28 -8.02
N SER B 70 -19.37 -3.58 -7.36
CA SER B 70 -20.31 -2.68 -7.98
C SER B 70 -20.24 -1.27 -7.45
N PRO B 71 -20.34 -0.27 -8.41
CA PRO B 71 -20.31 1.08 -7.88
C PRO B 71 -21.70 1.69 -7.70
N ASP B 72 -22.74 1.01 -8.14
CA ASP B 72 -24.08 1.51 -8.07
C ASP B 72 -25.14 0.62 -7.40
N VAL B 73 -25.59 -0.37 -8.10
CA VAL B 73 -26.60 -1.29 -7.63
C VAL B 73 -26.19 -2.76 -7.73
N ILE B 74 -27.07 -3.62 -7.30
CA ILE B 74 -26.83 -5.02 -7.35
C ILE B 74 -26.83 -5.57 -8.78
N HIS B 75 -25.86 -6.40 -9.07
CA HIS B 75 -25.74 -7.01 -10.39
C HIS B 75 -25.45 -8.48 -10.23
N GLY B 76 -25.56 -9.20 -11.33
CA GLY B 76 -25.22 -10.59 -11.40
C GLY B 76 -23.97 -10.75 -12.24
N PHE B 77 -23.22 -11.83 -12.01
CA PHE B 77 -22.04 -12.17 -12.78
C PHE B 77 -22.12 -13.66 -13.07
N HIS B 78 -22.74 -13.98 -14.20
CA HIS B 78 -22.88 -15.36 -14.64
C HIS B 78 -22.17 -15.52 -15.98
N VAL B 79 -21.20 -16.43 -16.03
CA VAL B 79 -20.49 -16.71 -17.27
C VAL B 79 -21.21 -17.90 -17.93
N GLU B 80 -21.85 -17.65 -19.09
CA GLU B 80 -22.58 -18.68 -19.83
C GLU B 80 -21.67 -19.83 -20.23
N GLY B 81 -22.19 -21.06 -20.05
CA GLY B 81 -21.46 -22.28 -20.34
C GLY B 81 -20.56 -22.71 -19.21
N THR B 82 -20.72 -22.08 -18.02
CA THR B 82 -19.96 -22.39 -16.81
C THR B 82 -20.90 -22.41 -15.59
N ASN B 83 -20.37 -22.82 -14.44
CA ASN B 83 -21.11 -22.81 -13.18
C ASN B 83 -20.85 -21.50 -12.41
N ILE B 84 -20.20 -20.50 -13.06
CA ILE B 84 -19.95 -19.20 -12.45
C ILE B 84 -21.28 -18.47 -12.44
N ASN B 85 -21.88 -18.29 -11.25
CA ASN B 85 -23.17 -17.63 -11.07
C ASN B 85 -23.15 -16.94 -9.73
N VAL B 86 -22.74 -15.68 -9.74
CA VAL B 86 -22.52 -14.96 -8.51
C VAL B 86 -23.23 -13.59 -8.48
N GLU B 87 -23.53 -13.15 -7.27
CA GLU B 87 -24.15 -11.86 -6.98
C GLU B 87 -23.09 -10.83 -6.73
N VAL B 88 -23.33 -9.59 -7.17
CA VAL B 88 -22.37 -8.50 -7.02
C VAL B 88 -23.07 -7.38 -6.27
N LEU B 89 -22.55 -7.02 -5.09
CA LEU B 89 -23.15 -6.00 -4.24
C LEU B 89 -22.29 -4.76 -4.08
N PRO B 90 -22.89 -3.55 -4.14
CA PRO B 90 -22.09 -2.31 -3.94
C PRO B 90 -21.46 -2.28 -2.56
N GLY B 91 -20.18 -1.91 -2.47
CA GLY B 91 -19.47 -1.87 -1.20
C GLY B 91 -18.86 -3.19 -0.77
N GLU B 92 -19.05 -4.27 -1.55
CA GLU B 92 -18.52 -5.60 -1.23
C GLU B 92 -17.82 -6.23 -2.42
N VAL B 93 -16.84 -7.09 -2.15
CA VAL B 93 -16.08 -7.79 -3.19
C VAL B 93 -16.54 -9.25 -3.28
N SER B 94 -17.02 -9.67 -4.45
CA SER B 94 -17.39 -11.06 -4.75
C SER B 94 -16.20 -11.77 -5.38
N THR B 95 -15.79 -12.92 -4.83
CA THR B 95 -14.64 -13.68 -5.35
C THR B 95 -15.10 -14.99 -5.97
N VAL B 96 -14.73 -15.22 -7.25
CA VAL B 96 -15.03 -16.41 -8.06
C VAL B 96 -13.74 -16.99 -8.61
N ARG B 97 -13.51 -18.29 -8.44
CA ARG B 97 -12.33 -18.98 -8.97
C ARG B 97 -12.76 -19.93 -10.07
N TYR B 98 -12.08 -19.85 -11.23
CA TYR B 98 -12.39 -20.69 -12.38
C TYR B 98 -11.20 -20.90 -13.28
N THR B 99 -11.10 -22.08 -13.88
CA THR B 99 -10.07 -22.41 -14.85
C THR B 99 -10.77 -22.68 -16.17
N PHE B 100 -10.55 -21.83 -17.17
CA PHE B 100 -11.15 -22.01 -18.49
C PHE B 100 -10.33 -23.03 -19.26
N LYS B 101 -10.95 -24.14 -19.60
CA LYS B 101 -10.31 -25.27 -20.27
C LYS B 101 -10.35 -25.16 -21.80
N ARG B 102 -11.20 -24.28 -22.33
CA ARG B 102 -11.38 -24.11 -23.76
C ARG B 102 -11.22 -22.66 -24.17
N PRO B 103 -10.41 -22.39 -25.22
CA PRO B 103 -10.30 -21.01 -25.74
C PRO B 103 -11.58 -20.61 -26.48
N GLY B 104 -11.80 -19.32 -26.58
CA GLY B 104 -12.96 -18.76 -27.26
C GLY B 104 -13.61 -17.64 -26.50
N GLU B 105 -14.80 -17.24 -26.92
CA GLU B 105 -15.54 -16.14 -26.30
C GLU B 105 -16.68 -16.63 -25.45
N TYR B 106 -16.78 -16.09 -24.25
CA TYR B 106 -17.82 -16.41 -23.28
C TYR B 106 -18.58 -15.17 -22.94
N ARG B 107 -19.90 -15.30 -22.84
CA ARG B 107 -20.75 -14.19 -22.52
C ARG B 107 -21.00 -14.12 -21.01
N ILE B 108 -20.93 -12.89 -20.47
CA ILE B 108 -21.24 -12.56 -19.08
C ILE B 108 -22.66 -12.01 -19.08
N ILE B 109 -23.52 -12.58 -18.25
CA ILE B 109 -24.92 -12.21 -18.19
C ILE B 109 -25.31 -11.75 -16.77
N CYS B 110 -26.27 -10.83 -16.71
CA CYS B 110 -26.81 -10.35 -15.45
C CYS B 110 -28.27 -10.71 -15.41
N THR B 111 -28.68 -11.52 -14.39
CA THR B 111 -30.06 -11.98 -14.21
C THR B 111 -31.04 -10.77 -14.03
N PRO B 112 -30.87 -9.82 -13.06
CA PRO B 112 -31.85 -8.71 -12.98
C PRO B 112 -31.92 -7.79 -14.21
N HIS B 113 -30.81 -7.62 -14.94
CA HIS B 113 -30.73 -6.73 -16.10
C HIS B 113 -30.43 -7.55 -17.37
N PRO B 114 -31.51 -8.02 -18.07
CA PRO B 114 -31.31 -8.90 -19.23
C PRO B 114 -30.75 -8.23 -20.49
N PHE B 115 -30.46 -6.92 -20.44
CA PHE B 115 -29.84 -6.11 -21.51
C PHE B 115 -28.34 -5.83 -21.19
N MET B 116 -27.88 -6.27 -20.00
CA MET B 116 -26.52 -6.10 -19.47
C MET B 116 -25.64 -7.30 -19.84
N PHE B 117 -24.60 -7.06 -20.66
CA PHE B 117 -23.71 -8.11 -21.12
C PHE B 117 -22.27 -7.71 -21.08
N GLY B 118 -21.43 -8.74 -20.92
CA GLY B 118 -19.98 -8.66 -20.91
C GLY B 118 -19.40 -9.78 -21.73
N THR B 119 -18.08 -9.71 -21.94
CA THR B 119 -17.38 -10.71 -22.75
C THR B 119 -16.10 -11.10 -22.08
N ILE B 120 -15.80 -12.39 -22.15
CA ILE B 120 -14.54 -12.99 -21.71
C ILE B 120 -13.94 -13.64 -22.92
N VAL B 121 -12.74 -13.22 -23.29
CA VAL B 121 -11.94 -13.81 -24.35
C VAL B 121 -10.91 -14.71 -23.66
N VAL B 122 -10.96 -16.02 -23.94
CA VAL B 122 -10.04 -16.99 -23.41
C VAL B 122 -9.04 -17.29 -24.53
N LYS B 123 -7.78 -16.90 -24.33
CA LYS B 123 -6.70 -17.07 -25.31
C LYS B 123 -6.10 -18.46 -25.26
N GLU B 124 -5.77 -18.95 -26.42
CA GLU B 124 -5.16 -20.25 -26.64
C GLU B 124 -3.76 -20.28 -25.98
N GLY C 9 3.09 -7.12 14.92
CA GLY C 9 3.57 -6.75 13.58
C GLY C 9 4.77 -7.56 13.15
N LYS C 10 4.66 -8.26 12.03
CA LYS C 10 5.80 -9.04 11.56
C LYS C 10 6.69 -8.20 10.65
N LEU C 11 8.00 -8.46 10.77
CA LEU C 11 9.05 -7.83 9.97
C LEU C 11 8.84 -8.27 8.51
N GLU C 12 8.81 -7.33 7.56
CA GLU C 12 8.56 -7.65 6.14
C GLU C 12 9.70 -8.46 5.54
N ARG C 13 9.36 -9.63 5.01
CA ARG C 13 10.34 -10.56 4.45
C ARG C 13 10.29 -10.55 2.93
N VAL C 14 11.45 -10.67 2.31
CA VAL C 14 11.66 -10.71 0.85
C VAL C 14 12.73 -11.76 0.56
N ASP C 15 12.70 -12.35 -0.65
CA ASP C 15 13.76 -13.25 -1.11
C ASP C 15 14.90 -12.34 -1.63
N PRO C 16 16.09 -12.34 -0.98
CA PRO C 16 17.16 -11.43 -1.43
C PRO C 16 17.69 -11.73 -2.82
N THR C 17 17.57 -12.98 -3.29
CA THR C 17 18.09 -13.42 -4.60
C THR C 17 17.22 -12.95 -5.76
N THR C 18 15.97 -12.52 -5.52
CA THR C 18 15.06 -12.12 -6.60
C THR C 18 14.74 -10.62 -6.60
N VAL C 19 15.23 -9.92 -5.59
CA VAL C 19 14.91 -8.52 -5.34
C VAL C 19 15.40 -7.57 -6.49
N ARG C 20 16.46 -7.95 -7.23
CA ARG C 20 16.96 -7.20 -8.38
C ARG C 20 16.17 -7.54 -9.68
N GLN C 21 15.33 -8.59 -9.67
CA GLN C 21 14.64 -9.01 -10.90
C GLN C 21 13.13 -8.80 -10.83
N GLU C 22 12.58 -8.87 -9.63
CA GLU C 22 11.13 -8.79 -9.44
C GLU C 22 10.79 -8.01 -8.22
N GLY C 23 9.74 -7.23 -8.32
CA GLY C 23 9.28 -6.47 -7.20
C GLY C 23 9.63 -5.00 -7.28
N PRO C 24 9.39 -4.30 -6.15
CA PRO C 24 9.55 -2.84 -6.16
C PRO C 24 11.00 -2.30 -6.20
N TRP C 25 12.03 -3.16 -6.01
CA TRP C 25 13.43 -2.75 -6.08
C TRP C 25 14.08 -3.14 -7.42
N ALA C 26 13.35 -3.80 -8.34
CA ALA C 26 13.91 -4.29 -9.62
C ALA C 26 14.27 -3.14 -10.56
N ASP C 27 13.40 -2.12 -10.65
CA ASP C 27 13.61 -0.97 -11.54
C ASP C 27 13.86 0.32 -10.71
N PRO C 28 15.12 0.79 -10.65
CA PRO C 28 15.41 2.00 -9.86
C PRO C 28 14.76 3.29 -10.39
N ALA C 29 14.30 3.30 -11.64
CA ALA C 29 13.58 4.45 -12.22
C ALA C 29 12.14 4.52 -11.67
N GLN C 30 11.71 3.47 -10.96
CA GLN C 30 10.37 3.39 -10.37
C GLN C 30 10.43 3.30 -8.83
N ALA C 31 11.57 3.71 -8.24
CA ALA C 31 11.81 3.63 -6.80
C ALA C 31 10.91 4.52 -5.97
N VAL C 32 10.47 5.69 -6.53
CA VAL C 32 9.65 6.67 -5.83
C VAL C 32 8.19 6.56 -6.25
N VAL C 33 7.33 6.18 -5.28
CA VAL C 33 5.90 5.96 -5.49
C VAL C 33 5.10 6.84 -4.52
N GLN C 34 4.11 7.60 -5.02
CA GLN C 34 3.25 8.38 -4.12
C GLN C 34 2.26 7.44 -3.47
N THR C 35 2.24 7.41 -2.13
CA THR C 35 1.38 6.47 -1.40
C THR C 35 0.42 7.18 -0.44
N GLY C 36 0.43 8.51 -0.45
CA GLY C 36 -0.46 9.32 0.37
C GLY C 36 -0.56 10.72 -0.19
N PRO C 37 -1.53 11.56 0.27
CA PRO C 37 -1.63 12.94 -0.26
C PRO C 37 -0.33 13.74 -0.13
N ASN C 38 0.45 13.50 0.95
CA ASN C 38 1.76 14.15 1.11
C ASN C 38 2.81 13.08 1.48
N GLN C 39 2.72 11.92 0.84
CA GLN C 39 3.63 10.84 1.21
C GLN C 39 4.14 10.09 0.00
N TYR C 40 5.41 9.78 0.04
CA TYR C 40 6.11 8.99 -0.97
C TYR C 40 6.84 7.83 -0.33
N THR C 41 6.71 6.64 -0.94
CA THR C 41 7.42 5.45 -0.55
C THR C 41 8.61 5.36 -1.51
N VAL C 42 9.80 5.15 -0.94
CA VAL C 42 11.05 5.06 -1.69
C VAL C 42 11.70 3.70 -1.46
N TYR C 43 11.73 2.90 -2.55
CA TYR C 43 12.34 1.59 -2.50
C TYR C 43 13.83 1.73 -2.70
N VAL C 44 14.56 1.52 -1.63
CA VAL C 44 16.02 1.65 -1.63
C VAL C 44 16.69 0.27 -1.57
N LEU C 45 17.64 0.06 -2.49
CA LEU C 45 18.46 -1.13 -2.45
C LEU C 45 19.83 -0.76 -1.91
N ALA C 46 20.22 -1.33 -0.77
CA ALA C 46 21.55 -1.18 -0.19
C ALA C 46 22.31 -2.44 -0.55
N PHE C 47 23.30 -2.34 -1.43
CA PHE C 47 24.03 -3.52 -1.91
C PHE C 47 25.53 -3.32 -1.73
N ALA C 48 26.34 -4.36 -2.07
CA ALA C 48 27.80 -4.26 -2.02
C ALA C 48 28.30 -3.62 -3.33
N PHE C 49 28.78 -2.36 -3.32
CA PHE C 49 28.88 -1.46 -2.16
C PHE C 49 28.38 -0.08 -2.56
N GLY C 50 27.07 0.09 -2.50
CA GLY C 50 26.42 1.33 -2.89
C GLY C 50 24.92 1.28 -2.70
N TYR C 51 24.23 2.30 -3.17
CA TYR C 51 22.78 2.41 -3.01
C TYR C 51 22.12 2.65 -4.32
N GLN C 52 20.89 2.16 -4.45
CA GLN C 52 20.07 2.34 -5.64
C GLN C 52 18.64 2.78 -5.16
N PRO C 53 18.05 3.84 -5.73
CA PRO C 53 18.59 4.71 -6.77
C PRO C 53 19.68 5.62 -6.17
N ASN C 54 20.45 6.26 -7.05
CA ASN C 54 21.52 7.17 -6.66
C ASN C 54 21.70 8.22 -7.74
N PRO C 55 21.26 9.46 -7.48
CA PRO C 55 20.65 9.91 -6.21
C PRO C 55 19.18 9.53 -6.01
N ILE C 56 18.72 9.54 -4.75
CA ILE C 56 17.31 9.42 -4.37
C ILE C 56 16.79 10.84 -4.49
N GLU C 57 15.70 11.06 -5.21
CA GLU C 57 15.15 12.40 -5.40
C GLU C 57 13.77 12.47 -4.81
N VAL C 58 13.62 13.31 -3.79
CA VAL C 58 12.34 13.44 -3.08
C VAL C 58 11.99 14.92 -2.92
N PRO C 59 10.68 15.30 -2.84
CA PRO C 59 10.38 16.71 -2.58
C PRO C 59 10.47 17.03 -1.09
N GLN C 60 10.77 18.28 -0.77
CA GLN C 60 10.80 18.72 0.63
C GLN C 60 9.38 18.78 1.20
N GLY C 61 9.27 18.64 2.52
CA GLY C 61 8.01 18.73 3.24
C GLY C 61 7.06 17.57 3.05
N ALA C 62 7.48 16.53 2.37
CA ALA C 62 6.66 15.34 2.16
C ALA C 62 7.15 14.22 3.08
N GLU C 63 6.23 13.41 3.57
CA GLU C 63 6.61 12.28 4.38
C GLU C 63 7.22 11.24 3.47
N ILE C 64 8.43 10.83 3.77
CA ILE C 64 9.08 9.83 2.94
C ILE C 64 9.19 8.55 3.73
N VAL C 65 8.70 7.47 3.15
CA VAL C 65 8.74 6.15 3.74
C VAL C 65 9.80 5.35 2.97
N PHE C 66 11.02 5.29 3.53
CA PHE C 66 12.10 4.49 2.94
C PHE C 66 11.85 3.01 3.23
N LYS C 67 11.89 2.18 2.18
CA LYS C 67 11.77 0.70 2.25
C LYS C 67 13.08 0.17 1.74
N ILE C 68 13.96 -0.20 2.68
CA ILE C 68 15.34 -0.58 2.36
C ILE C 68 15.58 -2.06 2.57
N THR C 69 16.21 -2.70 1.55
CA THR C 69 16.57 -4.10 1.64
C THR C 69 17.93 -4.31 0.98
N SER C 70 18.49 -5.46 1.21
CA SER C 70 19.76 -5.90 0.71
C SER C 70 19.71 -7.23 -0.02
N PRO C 71 20.43 -7.24 -1.20
CA PRO C 71 20.44 -8.51 -1.91
C PRO C 71 21.63 -9.38 -1.54
N ASP C 72 22.52 -8.89 -0.73
CA ASP C 72 23.71 -9.62 -0.39
C ASP C 72 24.05 -9.79 1.10
N VAL C 73 24.67 -8.79 1.70
CA VAL C 73 25.11 -8.76 3.09
C VAL C 73 24.52 -7.61 3.90
N ILE C 74 24.84 -7.54 5.18
CA ILE C 74 24.30 -6.49 6.05
C ILE C 74 24.94 -5.15 5.65
N HIS C 75 24.13 -4.10 5.59
CA HIS C 75 24.57 -2.74 5.31
C HIS C 75 23.93 -1.79 6.32
N GLY C 76 24.42 -0.56 6.33
CA GLY C 76 23.87 0.50 7.14
C GLY C 76 23.21 1.52 6.24
N PHE C 77 22.25 2.28 6.79
CA PHE C 77 21.58 3.34 6.07
C PHE C 77 21.48 4.51 7.04
N HIS C 78 22.49 5.38 6.99
CA HIS C 78 22.54 6.57 7.83
C HIS C 78 22.58 7.80 6.94
N VAL C 79 21.60 8.69 7.10
CA VAL C 79 21.55 9.94 6.34
C VAL C 79 22.22 11.01 7.19
N GLU C 80 23.41 11.48 6.75
CA GLU C 80 24.17 12.51 7.49
C GLU C 80 23.35 13.79 7.65
N GLY C 81 23.42 14.36 8.85
CA GLY C 81 22.68 15.56 9.19
C GLY C 81 21.26 15.29 9.66
N THR C 82 20.91 13.99 9.77
CA THR C 82 19.59 13.53 10.23
C THR C 82 19.82 12.51 11.34
N ASN C 83 18.74 12.03 11.99
CA ASN C 83 18.90 10.99 13.00
C ASN C 83 18.63 9.59 12.44
N ILE C 84 18.42 9.48 11.10
CA ILE C 84 18.21 8.23 10.36
C ILE C 84 19.50 7.39 10.45
N ASN C 85 19.47 6.32 11.23
CA ASN C 85 20.60 5.41 11.41
C ASN C 85 20.03 4.02 11.58
N VAL C 86 19.91 3.30 10.47
CA VAL C 86 19.22 2.03 10.43
C VAL C 86 20.09 0.92 9.80
N GLU C 87 19.84 -0.31 10.25
CA GLU C 87 20.50 -1.52 9.78
C GLU C 87 19.69 -2.12 8.64
N VAL C 88 20.38 -2.63 7.62
CA VAL C 88 19.75 -3.22 6.44
C VAL C 88 20.18 -4.68 6.35
N LEU C 89 19.22 -5.61 6.46
CA LEU C 89 19.51 -7.03 6.43
C LEU C 89 18.98 -7.73 5.18
N PRO C 90 19.76 -8.65 4.57
CA PRO C 90 19.23 -9.40 3.42
C PRO C 90 18.01 -10.22 3.82
N GLY C 91 16.97 -10.21 3.00
CA GLY C 91 15.76 -10.96 3.31
C GLY C 91 14.74 -10.20 4.15
N GLU C 92 15.09 -8.98 4.58
CA GLU C 92 14.23 -8.16 5.43
C GLU C 92 14.12 -6.74 4.88
N VAL C 93 12.98 -6.10 5.13
CA VAL C 93 12.72 -4.74 4.70
C VAL C 93 12.82 -3.82 5.91
N SER C 94 13.73 -2.85 5.88
CA SER C 94 13.86 -1.82 6.93
C SER C 94 13.04 -0.62 6.50
N THR C 95 12.16 -0.14 7.38
CA THR C 95 11.29 1.00 7.12
C THR C 95 11.70 2.19 7.96
N VAL C 96 11.95 3.34 7.28
CA VAL C 96 12.34 4.61 7.91
C VAL C 96 11.39 5.68 7.39
N ARG C 97 10.75 6.42 8.29
CA ARG C 97 9.88 7.55 7.94
C ARG C 97 10.58 8.83 8.30
N TYR C 98 10.63 9.77 7.37
CA TYR C 98 11.28 11.06 7.57
C TYR C 98 10.71 12.11 6.66
N THR C 99 10.63 13.35 7.17
CA THR C 99 10.19 14.52 6.43
C THR C 99 11.36 15.47 6.33
N PHE C 100 11.88 15.66 5.11
CA PHE C 100 13.00 16.56 4.89
C PHE C 100 12.47 17.99 4.85
N LYS C 101 12.90 18.74 5.86
CA LYS C 101 12.54 20.13 6.13
C LYS C 101 13.29 21.09 5.23
N ARG C 102 14.49 20.73 4.73
CA ARG C 102 15.21 21.68 3.91
C ARG C 102 15.76 21.03 2.62
N PRO C 103 15.69 21.79 1.49
CA PRO C 103 16.21 21.25 0.22
C PRO C 103 17.74 21.17 0.22
N GLY C 104 18.27 20.34 -0.67
CA GLY C 104 19.71 20.17 -0.83
C GLY C 104 20.13 18.72 -0.96
N GLU C 105 21.43 18.47 -0.87
CA GLU C 105 22.00 17.13 -0.99
C GLU C 105 22.43 16.60 0.35
N TYR C 106 22.05 15.35 0.61
CA TYR C 106 22.37 14.63 1.84
C TYR C 106 23.14 13.38 1.50
N ARG C 107 24.17 13.09 2.27
CA ARG C 107 24.97 11.90 2.04
C ARG C 107 24.44 10.73 2.86
N ILE C 108 24.37 9.53 2.22
CA ILE C 108 24.01 8.26 2.84
C ILE C 108 25.32 7.53 3.13
N ILE C 109 25.48 7.09 4.37
CA ILE C 109 26.70 6.45 4.82
C ILE C 109 26.44 5.06 5.38
N CYS C 110 27.40 4.15 5.16
CA CYS C 110 27.37 2.79 5.65
C CYS C 110 28.50 2.60 6.63
N THR C 111 28.15 2.28 7.89
CA THR C 111 29.11 2.10 9.01
C THR C 111 30.08 0.92 8.71
N PRO C 112 29.65 -0.34 8.42
CA PRO C 112 30.66 -1.41 8.14
C PRO C 112 31.53 -1.17 6.88
N HIS C 113 31.01 -0.47 5.87
CA HIS C 113 31.74 -0.22 4.61
C HIS C 113 31.97 1.31 4.43
N PRO C 114 33.14 1.83 4.89
CA PRO C 114 33.37 3.30 4.86
C PRO C 114 33.59 3.91 3.46
N PHE C 115 33.67 3.07 2.43
CA PHE C 115 33.83 3.46 1.02
C PHE C 115 32.47 3.45 0.30
N MET C 116 31.42 2.98 1.00
CA MET C 116 30.05 2.85 0.50
C MET C 116 29.26 4.15 0.76
N PHE C 117 28.81 4.83 -0.31
CA PHE C 117 28.06 6.09 -0.20
C PHE C 117 26.90 6.18 -1.17
N GLY C 118 25.91 6.96 -0.76
CA GLY C 118 24.71 7.28 -1.52
C GLY C 118 24.39 8.74 -1.38
N THR C 119 23.40 9.20 -2.17
CA THR C 119 23.02 10.59 -2.16
C THR C 119 21.49 10.69 -2.18
N ILE C 120 20.98 11.66 -1.44
CA ILE C 120 19.58 12.05 -1.43
C ILE C 120 19.55 13.50 -1.85
N VAL C 121 18.75 13.81 -2.88
CA VAL C 121 18.51 15.18 -3.34
C VAL C 121 17.11 15.54 -2.92
N VAL C 122 16.97 16.50 -2.00
CA VAL C 122 15.62 16.91 -1.63
C VAL C 122 15.35 18.23 -2.40
N LYS C 123 14.35 18.16 -3.27
CA LYS C 123 13.93 19.23 -4.17
C LYS C 123 13.04 20.24 -3.46
N GLU C 124 13.12 21.50 -3.92
CA GLU C 124 12.34 22.63 -3.40
C GLU C 124 10.84 22.46 -3.70
N LEU D 11 25.92 5.60 22.80
CA LEU D 11 24.47 5.50 23.04
C LEU D 11 23.65 5.76 21.79
N GLU D 12 22.40 5.26 21.76
CA GLU D 12 21.49 5.54 20.65
C GLU D 12 20.63 6.73 21.02
N ARG D 13 20.79 7.79 20.24
CA ARG D 13 20.15 9.09 20.38
C ARG D 13 19.01 9.24 19.40
N VAL D 14 18.01 10.04 19.77
CA VAL D 14 16.81 10.30 19.00
C VAL D 14 16.39 11.76 19.23
N ASP D 15 15.68 12.38 18.28
CA ASP D 15 15.21 13.75 18.39
C ASP D 15 13.90 13.71 19.18
N PRO D 16 13.86 14.21 20.43
CA PRO D 16 12.59 14.13 21.19
C PRO D 16 11.46 15.00 20.63
N THR D 17 11.78 16.07 19.88
CA THR D 17 10.78 16.98 19.33
C THR D 17 9.98 16.34 18.17
N THR D 18 10.50 15.28 17.53
CA THR D 18 9.87 14.64 16.38
C THR D 18 9.53 13.15 16.63
N VAL D 19 9.94 12.59 17.77
CA VAL D 19 9.81 11.16 18.04
C VAL D 19 8.32 10.68 18.08
N ARG D 20 7.36 11.57 18.43
CA ARG D 20 5.94 11.25 18.48
C ARG D 20 5.27 11.48 17.10
N GLN D 21 6.06 11.79 16.03
CA GLN D 21 5.57 12.04 14.66
C GLN D 21 6.34 11.26 13.57
N GLU D 22 7.59 10.86 13.86
CA GLU D 22 8.51 10.23 12.91
C GLU D 22 9.35 9.18 13.61
N GLY D 23 9.56 8.03 12.97
CA GLY D 23 10.38 6.95 13.53
C GLY D 23 9.59 5.78 14.10
N PRO D 24 10.25 4.81 14.82
CA PRO D 24 9.54 3.61 15.33
C PRO D 24 8.53 3.82 16.47
N TRP D 25 8.48 5.02 17.09
CA TRP D 25 7.54 5.36 18.16
C TRP D 25 6.33 6.17 17.66
N ALA D 26 6.30 6.52 16.37
CA ALA D 26 5.24 7.36 15.81
C ALA D 26 3.89 6.66 15.72
N ASP D 27 3.90 5.37 15.36
CA ASP D 27 2.68 4.59 15.20
C ASP D 27 2.57 3.50 16.29
N PRO D 28 1.70 3.70 17.32
CA PRO D 28 1.57 2.69 18.40
C PRO D 28 1.01 1.34 17.93
N ALA D 29 0.37 1.30 16.74
CA ALA D 29 -0.14 0.06 16.15
C ALA D 29 1.02 -0.81 15.60
N GLN D 30 2.23 -0.22 15.50
CA GLN D 30 3.41 -0.90 15.00
C GLN D 30 4.51 -0.95 16.08
N ALA D 31 4.14 -0.82 17.36
CA ALA D 31 5.08 -0.81 18.47
C ALA D 31 5.72 -2.17 18.72
N VAL D 32 4.97 -3.26 18.48
CA VAL D 32 5.42 -4.65 18.71
C VAL D 32 5.84 -5.26 17.37
N VAL D 33 7.15 -5.53 17.25
CA VAL D 33 7.73 -6.08 16.04
C VAL D 33 8.38 -7.40 16.41
N GLN D 34 8.01 -8.51 15.74
CA GLN D 34 8.63 -9.83 15.95
C GLN D 34 9.97 -9.78 15.20
N THR D 35 11.12 -9.80 15.93
CA THR D 35 12.48 -9.66 15.38
C THR D 35 13.26 -10.98 15.43
N GLY D 36 12.58 -12.04 15.86
CA GLY D 36 13.13 -13.39 15.91
C GLY D 36 12.01 -14.42 16.03
N PRO D 37 12.27 -15.73 15.83
CA PRO D 37 11.17 -16.72 15.98
C PRO D 37 10.47 -16.65 17.36
N ASN D 38 11.24 -16.35 18.43
CA ASN D 38 10.71 -16.19 19.78
C ASN D 38 11.17 -14.84 20.39
N GLN D 39 11.29 -13.81 19.55
CA GLN D 39 11.72 -12.51 20.04
C GLN D 39 10.89 -11.37 19.47
N TYR D 40 10.54 -10.43 20.36
CA TYR D 40 9.77 -9.24 20.02
C TYR D 40 10.48 -8.00 20.51
N THR D 41 10.57 -6.97 19.66
CA THR D 41 11.06 -5.64 20.02
C THR D 41 9.79 -4.80 20.24
N VAL D 42 9.74 -4.08 21.36
CA VAL D 42 8.59 -3.24 21.70
C VAL D 42 9.06 -1.80 21.85
N TYR D 43 8.57 -0.90 20.95
CA TYR D 43 8.87 0.53 21.00
C TYR D 43 7.88 1.19 21.95
N VAL D 44 8.37 1.59 23.12
CA VAL D 44 7.58 2.19 24.17
C VAL D 44 7.86 3.66 24.25
N LEU D 45 6.80 4.45 24.28
CA LEU D 45 6.90 5.87 24.49
C LEU D 45 6.40 6.17 25.88
N ALA D 46 7.27 6.73 26.74
CA ALA D 46 6.86 7.18 28.08
C ALA D 46 6.71 8.69 27.98
N PHE D 47 5.48 9.19 28.06
CA PHE D 47 5.20 10.62 27.86
C PHE D 47 4.44 11.16 29.05
N ALA D 48 4.20 12.47 29.08
CA ALA D 48 3.42 13.10 30.14
C ALA D 48 1.89 12.95 29.83
N PHE D 49 1.14 12.10 30.57
CA PHE D 49 1.58 11.23 31.65
C PHE D 49 0.98 9.85 31.46
N GLY D 50 1.63 9.06 30.64
CA GLY D 50 1.19 7.71 30.29
C GLY D 50 2.19 7.00 29.41
N TYR D 51 1.81 5.84 28.91
CA TYR D 51 2.65 5.01 28.06
C TYR D 51 1.94 4.61 26.83
N GLN D 52 2.73 4.43 25.78
CA GLN D 52 2.27 3.99 24.49
C GLN D 52 3.20 2.85 24.04
N PRO D 53 2.63 1.70 23.57
CA PRO D 53 1.20 1.36 23.51
C PRO D 53 0.70 1.00 24.91
N ASN D 54 -0.61 0.94 25.06
CA ASN D 54 -1.26 0.62 26.31
C ASN D 54 -2.59 -0.08 26.01
N PRO D 55 -2.69 -1.39 26.25
CA PRO D 55 -1.64 -2.26 26.84
C PRO D 55 -0.57 -2.71 25.85
N ILE D 56 0.58 -3.14 26.39
CA ILE D 56 1.64 -3.80 25.64
C ILE D 56 1.24 -5.28 25.73
N GLU D 57 1.10 -5.97 24.60
CA GLU D 57 0.69 -7.37 24.60
C GLU D 57 1.80 -8.21 24.03
N VAL D 58 2.32 -9.14 24.84
CA VAL D 58 3.43 -10.01 24.45
C VAL D 58 3.09 -11.46 24.83
N PRO D 59 3.57 -12.47 24.08
CA PRO D 59 3.33 -13.86 24.50
C PRO D 59 4.28 -14.27 25.62
N GLN D 60 3.87 -15.22 26.46
CA GLN D 60 4.76 -15.71 27.51
C GLN D 60 5.90 -16.54 26.92
N GLY D 61 7.06 -16.51 27.60
CA GLY D 61 8.23 -17.27 27.20
C GLY D 61 9.00 -16.65 26.05
N ALA D 62 8.53 -15.50 25.55
CA ALA D 62 9.20 -14.80 24.45
C ALA D 62 10.19 -13.78 24.98
N GLU D 63 11.33 -13.64 24.26
CA GLU D 63 12.33 -12.64 24.63
C GLU D 63 11.85 -11.29 24.18
N ILE D 64 11.71 -10.35 25.11
CA ILE D 64 11.20 -9.04 24.77
C ILE D 64 12.33 -8.02 24.92
N VAL D 65 12.51 -7.21 23.88
CA VAL D 65 13.47 -6.14 23.86
C VAL D 65 12.68 -4.81 23.88
N PHE D 66 12.53 -4.20 25.05
CA PHE D 66 11.87 -2.90 25.17
C PHE D 66 12.83 -1.81 24.75
N LYS D 67 12.36 -0.91 23.85
CA LYS D 67 13.11 0.25 23.36
C LYS D 67 12.29 1.46 23.78
N ILE D 68 12.69 2.09 24.89
CA ILE D 68 11.91 3.16 25.51
C ILE D 68 12.56 4.53 25.37
N THR D 69 11.73 5.53 25.00
CA THR D 69 12.19 6.92 24.91
C THR D 69 11.04 7.86 25.36
N SER D 70 11.37 9.12 25.55
CA SER D 70 10.47 10.15 25.97
C SER D 70 10.46 11.34 25.05
N PRO D 71 9.21 11.89 24.83
CA PRO D 71 9.20 13.07 23.98
C PRO D 71 9.20 14.36 24.78
N ASP D 72 9.15 14.29 26.09
CA ASP D 72 9.10 15.48 26.90
C ASP D 72 10.10 15.62 28.02
N VAL D 73 9.78 15.01 29.14
CA VAL D 73 10.56 14.97 30.35
C VAL D 73 11.01 13.56 30.70
N ILE D 74 11.74 13.47 31.78
CA ILE D 74 12.24 12.24 32.31
C ILE D 74 11.10 11.47 32.93
N HIS D 75 11.06 10.20 32.65
CA HIS D 75 10.06 9.29 33.18
C HIS D 75 10.77 8.04 33.66
N GLY D 76 10.05 7.24 34.41
CA GLY D 76 10.53 5.95 34.85
C GLY D 76 9.77 4.87 34.07
N PHE D 77 10.36 3.68 33.98
CA PHE D 77 9.74 2.52 33.39
C PHE D 77 10.03 1.36 34.31
N HIS D 78 9.11 1.14 35.25
CA HIS D 78 9.25 0.09 36.23
C HIS D 78 8.07 -0.85 36.11
N VAL D 79 8.34 -2.11 35.82
CA VAL D 79 7.30 -3.11 35.71
C VAL D 79 7.16 -3.77 37.09
N GLU D 80 6.02 -3.51 37.76
CA GLU D 80 5.79 -4.01 39.13
C GLU D 80 5.86 -5.51 39.17
N GLY D 81 6.54 -6.00 40.20
CA GLY D 81 6.77 -7.41 40.43
C GLY D 81 8.01 -7.94 39.74
N THR D 82 8.72 -7.10 38.98
CA THR D 82 9.95 -7.48 38.23
C THR D 82 11.10 -6.56 38.63
N ASN D 83 12.32 -6.89 38.15
CA ASN D 83 13.48 -6.03 38.40
C ASN D 83 13.67 -5.07 37.22
N ILE D 84 12.64 -4.88 36.39
CA ILE D 84 12.66 -3.89 35.30
C ILE D 84 12.42 -2.56 35.95
N ASN D 85 13.46 -1.75 36.10
CA ASN D 85 13.41 -0.45 36.75
C ASN D 85 14.40 0.44 36.05
N VAL D 86 13.91 1.15 35.04
CA VAL D 86 14.79 1.90 34.16
C VAL D 86 14.33 3.34 34.02
N GLU D 87 15.32 4.22 33.80
CA GLU D 87 15.08 5.65 33.59
C GLU D 87 14.88 5.90 32.10
N VAL D 88 13.97 6.81 31.76
CA VAL D 88 13.68 7.17 30.40
C VAL D 88 13.96 8.66 30.22
N LEU D 89 14.95 8.97 29.37
CA LEU D 89 15.39 10.34 29.14
C LEU D 89 15.04 10.83 27.75
N PRO D 90 14.52 12.07 27.63
CA PRO D 90 14.26 12.63 26.29
C PRO D 90 15.57 12.67 25.49
N GLY D 91 15.51 12.25 24.24
CA GLY D 91 16.68 12.24 23.37
C GLY D 91 17.52 10.98 23.43
N GLU D 92 17.15 10.02 24.31
CA GLU D 92 17.88 8.76 24.48
C GLU D 92 16.96 7.55 24.47
N VAL D 93 17.48 6.41 24.00
CA VAL D 93 16.75 5.15 23.95
C VAL D 93 17.24 4.24 25.08
N SER D 94 16.33 3.84 25.98
CA SER D 94 16.61 2.90 27.06
C SER D 94 16.22 1.51 26.57
N THR D 95 17.13 0.55 26.69
CA THR D 95 16.89 -0.83 26.27
C THR D 95 16.78 -1.72 27.50
N VAL D 96 15.67 -2.47 27.59
CA VAL D 96 15.39 -3.46 28.65
C VAL D 96 15.04 -4.79 27.99
N ARG D 97 15.75 -5.84 28.38
CA ARG D 97 15.51 -7.18 27.87
C ARG D 97 14.90 -8.00 28.98
N TYR D 98 13.76 -8.65 28.69
CA TYR D 98 13.09 -9.48 29.69
C TYR D 98 12.29 -10.58 29.04
N THR D 99 12.20 -11.73 29.71
CA THR D 99 11.37 -12.85 29.28
C THR D 99 10.32 -13.06 30.37
N PHE D 100 9.06 -12.82 30.02
CA PHE D 100 7.95 -13.02 30.96
C PHE D 100 7.59 -14.49 30.96
N LYS D 101 7.82 -15.16 32.09
CA LYS D 101 7.55 -16.61 32.20
C LYS D 101 6.20 -16.82 32.82
N ARG D 102 5.66 -15.77 33.45
CA ARG D 102 4.38 -15.72 34.12
C ARG D 102 3.34 -14.97 33.24
N PRO D 103 2.32 -15.69 32.72
CA PRO D 103 1.21 -15.00 32.05
C PRO D 103 0.45 -14.10 33.04
N GLY D 104 -0.25 -13.09 32.53
CA GLY D 104 -1.04 -12.18 33.36
C GLY D 104 -0.82 -10.71 33.03
N GLU D 105 -1.33 -9.84 33.91
CA GLU D 105 -1.22 -8.39 33.75
C GLU D 105 -0.22 -7.81 34.70
N TYR D 106 0.64 -6.94 34.17
CA TYR D 106 1.68 -6.27 34.93
C TYR D 106 1.49 -4.78 34.79
N ARG D 107 1.64 -4.07 35.87
CA ARG D 107 1.50 -2.63 35.88
C ARG D 107 2.87 -1.96 35.66
N ILE D 108 2.90 -0.94 34.79
CA ILE D 108 4.05 -0.10 34.53
C ILE D 108 3.85 1.16 35.35
N ILE D 109 4.85 1.51 36.17
CA ILE D 109 4.80 2.65 37.07
C ILE D 109 5.97 3.59 36.79
N CYS D 110 5.71 4.87 37.03
CA CYS D 110 6.67 5.96 36.93
C CYS D 110 6.87 6.54 38.32
N THR D 111 8.10 6.49 38.84
CA THR D 111 8.42 6.99 40.19
C THR D 111 8.12 8.51 40.32
N PRO D 112 8.66 9.44 39.46
CA PRO D 112 8.31 10.87 39.64
C PRO D 112 6.82 11.23 39.50
N HIS D 113 6.06 10.48 38.68
CA HIS D 113 4.64 10.76 38.43
C HIS D 113 3.77 9.59 38.93
N PRO D 114 3.28 9.66 40.20
CA PRO D 114 2.52 8.52 40.76
C PRO D 114 1.12 8.28 40.16
N PHE D 115 0.68 9.15 39.27
CA PHE D 115 -0.61 9.08 38.57
C PHE D 115 -0.42 8.52 37.14
N MET D 116 0.85 8.25 36.76
CA MET D 116 1.25 7.76 35.44
C MET D 116 1.40 6.22 35.45
N PHE D 117 0.53 5.55 34.66
CA PHE D 117 0.47 4.09 34.61
C PHE D 117 0.31 3.53 33.22
N GLY D 118 0.82 2.31 33.06
CA GLY D 118 0.78 1.53 31.86
C GLY D 118 0.50 0.08 32.19
N THR D 119 0.21 -0.71 31.15
CA THR D 119 -0.15 -2.10 31.35
C THR D 119 0.59 -2.96 30.35
N ILE D 120 1.07 -4.13 30.84
CA ILE D 120 1.64 -5.17 30.03
C ILE D 120 0.75 -6.40 30.24
N VAL D 121 0.27 -6.99 29.15
CA VAL D 121 -0.50 -8.22 29.17
C VAL D 121 0.38 -9.31 28.58
N VAL D 122 0.69 -10.35 29.37
CA VAL D 122 1.50 -11.42 28.79
C VAL D 122 0.56 -12.62 28.65
N LYS D 123 0.33 -12.95 27.38
CA LYS D 123 -0.63 -13.97 26.94
C LYS D 123 -0.10 -15.37 27.17
N GLU D 124 -1.01 -16.27 27.57
CA GLU D 124 -0.74 -17.69 27.84
C GLU D 124 -0.32 -18.42 26.56
N GLU E 12 6.71 -45.16 18.03
CA GLU E 12 5.52 -44.99 18.88
C GLU E 12 4.36 -45.82 18.33
N ARG E 13 3.76 -46.64 19.21
CA ARG E 13 2.69 -47.57 18.88
C ARG E 13 1.32 -47.09 19.39
N VAL E 14 0.28 -47.17 18.53
CA VAL E 14 -1.11 -46.78 18.81
C VAL E 14 -2.07 -47.85 18.30
N ASP E 15 -3.29 -47.90 18.87
CA ASP E 15 -4.31 -48.87 18.47
C ASP E 15 -5.05 -48.29 17.26
N PRO E 16 -4.87 -48.85 16.04
CA PRO E 16 -5.56 -48.26 14.87
C PRO E 16 -7.08 -48.42 14.90
N THR E 17 -7.60 -49.43 15.62
CA THR E 17 -9.03 -49.72 15.69
C THR E 17 -9.80 -48.72 16.58
N THR E 18 -9.08 -47.98 17.47
CA THR E 18 -9.71 -47.03 18.42
C THR E 18 -9.17 -45.60 18.28
N VAL E 19 -8.20 -45.38 17.38
CA VAL E 19 -7.54 -44.09 17.18
C VAL E 19 -8.55 -42.95 16.82
N ARG E 20 -9.72 -43.29 16.20
CA ARG E 20 -10.77 -42.30 15.88
C ARG E 20 -11.74 -42.06 17.05
N GLN E 21 -11.70 -42.88 18.09
CA GLN E 21 -12.62 -42.75 19.22
C GLN E 21 -11.97 -42.24 20.49
N GLU E 22 -10.68 -42.58 20.71
CA GLU E 22 -9.96 -42.23 21.93
C GLU E 22 -8.52 -41.92 21.64
N GLY E 23 -7.97 -40.93 22.35
CA GLY E 23 -6.60 -40.51 22.16
C GLY E 23 -6.47 -39.16 21.48
N PRO E 24 -5.24 -38.74 21.12
CA PRO E 24 -5.03 -37.39 20.55
C PRO E 24 -5.53 -37.17 19.10
N TRP E 25 -5.92 -38.23 18.38
CA TRP E 25 -6.46 -38.12 17.02
C TRP E 25 -8.00 -38.24 16.98
N ALA E 26 -8.66 -38.46 18.13
CA ALA E 26 -10.11 -38.64 18.19
C ALA E 26 -10.87 -37.37 17.85
N ASP E 27 -10.43 -36.23 18.38
CA ASP E 27 -11.07 -34.95 18.18
C ASP E 27 -10.21 -34.02 17.29
N PRO E 28 -10.61 -33.83 16.01
CA PRO E 28 -9.82 -32.98 15.11
C PRO E 28 -9.78 -31.51 15.53
N ALA E 29 -10.70 -31.06 16.40
CA ALA E 29 -10.71 -29.69 16.93
C ALA E 29 -9.60 -29.49 17.95
N GLN E 30 -8.95 -30.61 18.39
CA GLN E 30 -7.87 -30.58 19.38
C GLN E 30 -6.56 -31.09 18.80
N ALA E 31 -6.44 -31.07 17.46
CA ALA E 31 -5.28 -31.52 16.74
C ALA E 31 -4.00 -30.70 17.00
N VAL E 32 -4.16 -29.37 17.23
CA VAL E 32 -3.04 -28.44 17.43
C VAL E 32 -2.85 -28.16 18.92
N VAL E 33 -1.70 -28.56 19.45
CA VAL E 33 -1.35 -28.41 20.87
C VAL E 33 -0.04 -27.62 20.97
N GLN E 34 -0.08 -26.48 21.66
CA GLN E 34 1.10 -25.66 21.86
C GLN E 34 1.93 -26.34 22.93
N THR E 35 3.19 -26.64 22.63
CA THR E 35 4.04 -27.36 23.59
C THR E 35 5.18 -26.47 24.15
N GLY E 36 5.38 -25.30 23.57
CA GLY E 36 6.39 -24.35 24.04
C GLY E 36 6.22 -23.00 23.37
N PRO E 37 7.02 -21.97 23.73
CA PRO E 37 6.89 -20.70 23.00
C PRO E 37 7.32 -20.96 21.55
N ASN E 38 6.44 -20.67 20.58
CA ASN E 38 6.63 -20.88 19.13
C ASN E 38 6.76 -22.40 18.74
N GLN E 39 6.14 -23.28 19.52
CA GLN E 39 6.22 -24.73 19.30
C GLN E 39 4.88 -25.39 19.40
N TYR E 40 4.50 -26.10 18.34
CA TYR E 40 3.22 -26.80 18.31
C TYR E 40 3.35 -28.24 17.83
N THR E 41 2.63 -29.14 18.49
CA THR E 41 2.47 -30.52 18.05
C THR E 41 1.11 -30.57 17.31
N VAL E 42 1.06 -31.21 16.15
CA VAL E 42 -0.16 -31.36 15.34
C VAL E 42 -0.44 -32.85 15.13
N TYR E 43 -1.59 -33.33 15.64
CA TYR E 43 -2.02 -34.72 15.48
C TYR E 43 -2.79 -34.85 14.17
N VAL E 44 -2.16 -35.51 13.19
CA VAL E 44 -2.74 -35.71 11.87
C VAL E 44 -3.17 -37.15 11.68
N LEU E 45 -4.38 -37.34 11.18
CA LEU E 45 -4.88 -38.65 10.80
C LEU E 45 -4.89 -38.76 9.27
N ALA E 46 -4.14 -39.72 8.72
CA ALA E 46 -4.16 -40.03 7.30
C ALA E 46 -5.04 -41.26 7.13
N PHE E 47 -6.19 -41.12 6.49
CA PHE E 47 -7.16 -42.22 6.36
C PHE E 47 -7.57 -42.43 4.89
N ALA E 48 -8.36 -43.47 4.60
CA ALA E 48 -8.86 -43.72 3.26
C ALA E 48 -10.13 -42.88 2.99
N PHE E 49 -10.08 -41.81 2.15
CA PHE E 49 -8.90 -41.32 1.43
C PHE E 49 -8.83 -39.80 1.59
N GLY E 50 -8.23 -39.38 2.70
CA GLY E 50 -8.06 -37.97 3.04
C GLY E 50 -7.28 -37.74 4.33
N TYR E 51 -7.28 -36.52 4.83
CA TYR E 51 -6.56 -36.17 6.06
C TYR E 51 -7.43 -35.42 7.04
N GLN E 52 -7.09 -35.56 8.31
CA GLN E 52 -7.74 -34.89 9.43
C GLN E 52 -6.63 -34.30 10.33
N PRO E 53 -6.75 -33.02 10.76
CA PRO E 53 -7.82 -32.06 10.40
C PRO E 53 -7.68 -31.64 8.92
N ASN E 54 -8.72 -30.98 8.39
CA ASN E 54 -8.71 -30.48 7.03
C ASN E 54 -9.50 -29.18 6.97
N PRO E 55 -8.82 -28.05 6.80
CA PRO E 55 -7.36 -27.88 6.67
C PRO E 55 -6.62 -27.95 8.01
N ILE E 56 -5.30 -28.21 7.95
CA ILE E 56 -4.39 -28.09 9.10
C ILE E 56 -4.03 -26.63 9.14
N GLU E 57 -4.17 -25.97 10.27
CA GLU E 57 -3.83 -24.56 10.37
C GLU E 57 -2.70 -24.37 11.36
N VAL E 58 -1.60 -23.82 10.86
CA VAL E 58 -0.42 -23.59 11.69
C VAL E 58 0.12 -22.17 11.49
N PRO E 59 0.76 -21.58 12.52
CA PRO E 59 1.37 -20.25 12.33
C PRO E 59 2.68 -20.31 11.58
N GLN E 60 2.97 -19.29 10.76
CA GLN E 60 4.28 -19.26 10.09
C GLN E 60 5.38 -19.03 11.14
N GLY E 61 6.56 -19.55 10.84
CA GLY E 61 7.72 -19.38 11.69
C GLY E 61 7.72 -20.23 12.93
N ALA E 62 6.65 -20.98 13.19
CA ALA E 62 6.55 -21.83 14.37
C ALA E 62 7.12 -23.21 14.07
N GLU E 63 7.77 -23.85 15.06
CA GLU E 63 8.29 -25.21 14.90
C GLU E 63 7.15 -26.18 15.07
N ILE E 64 6.80 -26.89 14.01
CA ILE E 64 5.73 -27.88 14.04
C ILE E 64 6.34 -29.27 14.22
N VAL E 65 5.69 -30.07 15.03
CA VAL E 65 5.94 -31.48 15.21
C VAL E 65 4.63 -32.21 14.79
N PHE E 66 4.57 -32.70 13.54
CA PHE E 66 3.44 -33.48 13.07
C PHE E 66 3.55 -34.91 13.62
N LYS E 67 2.47 -35.41 14.20
CA LYS E 67 2.33 -36.76 14.74
C LYS E 67 1.24 -37.43 13.90
N ILE E 68 1.65 -38.22 12.91
CA ILE E 68 0.74 -38.80 11.91
C ILE E 68 0.56 -40.29 12.07
N THR E 69 -0.68 -40.74 12.02
CA THR E 69 -1.06 -42.15 12.08
C THR E 69 -2.25 -42.48 11.17
N SER E 70 -2.46 -43.75 10.89
CA SER E 70 -3.55 -44.27 10.05
C SER E 70 -4.47 -45.24 10.73
N PRO E 71 -5.82 -45.01 10.49
CA PRO E 71 -6.71 -45.98 11.12
C PRO E 71 -7.06 -47.18 10.25
N ASP E 72 -6.55 -47.26 9.04
CA ASP E 72 -6.87 -48.35 8.15
C ASP E 72 -5.72 -48.91 7.37
N VAL E 73 -5.25 -48.19 6.37
CA VAL E 73 -4.16 -48.65 5.54
C VAL E 73 -2.97 -47.72 5.46
N ILE E 74 -1.95 -48.15 4.77
CA ILE E 74 -0.76 -47.37 4.57
C ILE E 74 -1.07 -46.18 3.68
N HIS E 75 -0.55 -45.03 4.07
CA HIS E 75 -0.71 -43.78 3.33
C HIS E 75 0.62 -43.05 3.30
N GLY E 76 0.68 -42.02 2.48
CA GLY E 76 1.83 -41.15 2.42
C GLY E 76 1.45 -39.80 2.97
N PHE E 77 2.45 -39.03 3.41
CA PHE E 77 2.21 -37.66 3.86
C PHE E 77 3.30 -36.81 3.24
N HIS E 78 2.98 -36.19 2.10
CA HIS E 78 3.89 -35.29 1.42
C HIS E 78 3.29 -33.91 1.32
N VAL E 79 4.01 -32.89 1.83
CA VAL E 79 3.53 -31.50 1.72
C VAL E 79 4.23 -30.89 0.54
N GLU E 80 3.47 -30.54 -0.52
CA GLU E 80 4.01 -30.00 -1.78
C GLU E 80 4.80 -28.75 -1.52
N GLY E 81 5.95 -28.64 -2.15
CA GLY E 81 6.82 -27.48 -2.01
C GLY E 81 7.76 -27.58 -0.82
N THR E 82 7.78 -28.75 -0.15
CA THR E 82 8.66 -29.04 0.99
C THR E 82 9.34 -30.39 0.78
N ASN E 83 10.31 -30.72 1.65
CA ASN E 83 11.02 -31.98 1.59
C ASN E 83 10.29 -33.08 2.43
N ILE E 84 9.14 -32.77 3.04
CA ILE E 84 8.34 -33.72 3.81
C ILE E 84 7.71 -34.82 2.89
N ASN E 85 8.18 -36.08 2.97
CA ASN E 85 7.57 -37.20 2.24
C ASN E 85 7.75 -38.47 3.07
N VAL E 86 6.89 -38.63 4.07
CA VAL E 86 6.94 -39.73 5.02
C VAL E 86 5.79 -40.76 4.79
N GLU E 87 6.10 -42.02 5.12
CA GLU E 87 5.15 -43.12 5.10
C GLU E 87 4.33 -43.12 6.39
N VAL E 88 3.03 -43.41 6.29
CA VAL E 88 2.11 -43.46 7.44
C VAL E 88 1.55 -44.89 7.53
N LEU E 89 1.85 -45.56 8.64
CA LEU E 89 1.45 -46.95 8.86
C LEU E 89 0.41 -47.11 9.96
N PRO E 90 -0.63 -47.95 9.74
CA PRO E 90 -1.60 -48.21 10.84
C PRO E 90 -0.90 -48.79 12.06
N GLY E 91 -1.23 -48.28 13.25
CA GLY E 91 -0.62 -48.74 14.50
C GLY E 91 0.70 -48.10 14.87
N GLU E 92 1.19 -47.19 14.02
CA GLU E 92 2.47 -46.50 14.23
C GLU E 92 2.34 -45.01 14.04
N VAL E 93 3.15 -44.24 14.78
CA VAL E 93 3.14 -42.79 14.72
C VAL E 93 4.36 -42.32 13.94
N SER E 94 4.12 -41.58 12.84
CA SER E 94 5.16 -40.96 12.03
C SER E 94 5.36 -39.54 12.54
N THR E 95 6.60 -39.15 12.81
CA THR E 95 6.91 -37.81 13.31
C THR E 95 7.64 -37.03 12.22
N VAL E 96 7.14 -35.83 11.93
CA VAL E 96 7.70 -34.88 10.96
C VAL E 96 7.87 -33.54 11.65
N ARG E 97 9.08 -32.98 11.60
CA ARG E 97 9.40 -31.69 12.19
C ARG E 97 9.66 -30.71 11.07
N TYR E 98 8.95 -29.57 11.10
CA TYR E 98 9.08 -28.57 10.04
C TYR E 98 8.67 -27.19 10.51
N THR E 99 9.33 -26.16 9.97
CA THR E 99 9.02 -24.76 10.22
C THR E 99 8.64 -24.15 8.89
N PHE E 100 7.36 -23.77 8.74
CA PHE E 100 6.88 -23.12 7.53
C PHE E 100 7.22 -21.66 7.56
N LYS E 101 8.06 -21.21 6.64
CA LYS E 101 8.52 -19.83 6.59
C LYS E 101 7.65 -18.96 5.67
N ARG E 102 6.83 -19.56 4.81
CA ARG E 102 6.02 -18.78 3.88
C ARG E 102 4.53 -18.99 4.13
N PRO E 103 3.73 -17.93 4.37
CA PRO E 103 2.29 -18.16 4.55
C PRO E 103 1.60 -18.57 3.25
N GLY E 104 0.44 -19.21 3.38
CA GLY E 104 -0.34 -19.65 2.24
C GLY E 104 -0.88 -21.05 2.39
N GLU E 105 -1.38 -21.62 1.29
CA GLU E 105 -1.95 -22.95 1.28
C GLU E 105 -1.04 -23.93 0.62
N TYR E 106 -0.86 -25.08 1.27
CA TYR E 106 0.00 -26.16 0.82
C TYR E 106 -0.86 -27.41 0.68
N ARG E 107 -0.65 -28.10 -0.42
CA ARG E 107 -1.34 -29.33 -0.69
C ARG E 107 -0.61 -30.55 -0.05
N ILE E 108 -1.37 -31.43 0.59
CA ILE E 108 -0.94 -32.70 1.15
C ILE E 108 -1.30 -33.78 0.13
N ILE E 109 -0.31 -34.63 -0.22
CA ILE E 109 -0.41 -35.68 -1.24
C ILE E 109 0.03 -37.02 -0.70
N CYS E 110 -0.68 -38.05 -1.12
CA CYS E 110 -0.40 -39.45 -0.83
C CYS E 110 0.15 -40.11 -2.12
N THR E 111 1.31 -40.81 -2.04
CA THR E 111 1.96 -41.47 -3.19
C THR E 111 1.12 -42.71 -3.68
N PRO E 112 0.78 -43.72 -2.84
CA PRO E 112 -0.01 -44.86 -3.35
C PRO E 112 -1.43 -44.50 -3.83
N HIS E 113 -2.05 -43.44 -3.25
CA HIS E 113 -3.41 -43.01 -3.60
C HIS E 113 -3.34 -41.61 -4.24
N PRO E 114 -3.28 -41.53 -5.61
CA PRO E 114 -3.11 -40.22 -6.27
C PRO E 114 -4.33 -39.30 -6.23
N PHE E 115 -5.47 -39.77 -5.72
CA PHE E 115 -6.73 -39.04 -5.59
C PHE E 115 -6.94 -38.52 -4.14
N MET E 116 -6.04 -38.91 -3.22
CA MET E 116 -6.08 -38.54 -1.81
C MET E 116 -5.32 -37.22 -1.59
N PHE E 117 -6.00 -36.17 -1.12
CA PHE E 117 -5.38 -34.87 -0.87
C PHE E 117 -5.85 -34.22 0.43
N GLY E 118 -4.98 -33.39 1.01
CA GLY E 118 -5.28 -32.65 2.23
C GLY E 118 -4.85 -31.23 2.02
N THR E 119 -5.00 -30.39 3.04
CA THR E 119 -4.61 -28.98 2.94
C THR E 119 -3.96 -28.53 4.24
N ILE E 120 -2.89 -27.74 4.12
CA ILE E 120 -2.22 -27.05 5.22
C ILE E 120 -2.33 -25.57 4.92
N VAL E 121 -2.82 -24.81 5.89
CA VAL E 121 -2.90 -23.35 5.79
C VAL E 121 -1.88 -22.83 6.77
N VAL E 122 -0.83 -22.13 6.27
CA VAL E 122 0.11 -21.52 7.20
C VAL E 122 -0.26 -20.02 7.23
N LYS E 123 -0.63 -19.59 8.44
CA LYS E 123 -1.12 -18.24 8.72
C LYS E 123 0.00 -17.25 8.89
N GLU E 124 -0.25 -16.00 8.46
CA GLU E 124 0.71 -14.89 8.55
C GLU E 124 0.96 -14.49 10.00
N PRO F 16 41.39 7.34 -8.88
CA PRO F 16 41.05 5.96 -8.48
C PRO F 16 40.71 5.88 -6.99
N THR F 17 41.58 6.49 -6.16
CA THR F 17 41.45 6.58 -4.71
C THR F 17 40.63 7.82 -4.37
N THR F 18 40.91 8.94 -5.05
CA THR F 18 40.24 10.23 -4.85
C THR F 18 39.03 10.44 -5.78
N VAL F 19 38.77 9.52 -6.76
CA VAL F 19 37.67 9.66 -7.77
C VAL F 19 36.28 9.84 -7.09
N ARG F 20 36.02 9.11 -6.00
CA ARG F 20 34.78 9.22 -5.25
C ARG F 20 34.75 10.47 -4.32
N GLN F 21 35.89 11.16 -4.13
CA GLN F 21 35.96 12.33 -3.23
C GLN F 21 36.19 13.65 -3.98
N GLU F 22 36.83 13.61 -5.13
CA GLU F 22 37.14 14.82 -5.90
C GLU F 22 37.08 14.53 -7.39
N GLY F 23 36.63 15.51 -8.14
CA GLY F 23 36.52 15.39 -9.59
C GLY F 23 35.09 15.23 -10.07
N PRO F 24 34.91 14.97 -11.38
CA PRO F 24 33.56 14.90 -11.94
C PRO F 24 32.70 13.68 -11.57
N TRP F 25 33.28 12.65 -10.92
CA TRP F 25 32.53 11.46 -10.48
C TRP F 25 32.21 11.50 -8.96
N ALA F 26 32.66 12.54 -8.22
CA ALA F 26 32.47 12.63 -6.77
C ALA F 26 31.01 12.83 -6.37
N ASP F 27 30.27 13.69 -7.08
CA ASP F 27 28.88 14.00 -6.77
C ASP F 27 27.94 13.45 -7.86
N PRO F 28 27.21 12.34 -7.59
CA PRO F 28 26.31 11.77 -8.62
C PRO F 28 25.15 12.67 -9.01
N ALA F 29 24.82 13.67 -8.18
CA ALA F 29 23.76 14.65 -8.52
C ALA F 29 24.24 15.65 -9.58
N GLN F 30 25.56 15.66 -9.87
CA GLN F 30 26.17 16.55 -10.85
C GLN F 30 26.83 15.76 -11.99
N ALA F 31 26.38 14.52 -12.20
CA ALA F 31 26.91 13.62 -13.24
C ALA F 31 26.60 14.08 -14.66
N VAL F 32 25.45 14.78 -14.87
CA VAL F 32 24.96 15.22 -16.18
C VAL F 32 25.30 16.68 -16.38
N VAL F 33 26.18 16.97 -17.33
CA VAL F 33 26.66 18.33 -17.65
C VAL F 33 26.39 18.64 -19.14
N GLN F 34 25.81 19.81 -19.45
CA GLN F 34 25.63 20.20 -20.86
C GLN F 34 26.98 20.70 -21.39
N THR F 35 27.48 20.07 -22.46
CA THR F 35 28.81 20.41 -22.98
C THR F 35 28.77 20.86 -24.44
N GLY F 36 27.57 20.97 -25.00
CA GLY F 36 27.37 21.42 -26.36
C GLY F 36 25.96 21.91 -26.55
N PRO F 37 25.64 22.63 -27.68
CA PRO F 37 24.26 23.09 -27.88
C PRO F 37 23.24 21.94 -27.82
N ASN F 38 23.60 20.75 -28.32
CA ASN F 38 22.73 19.58 -28.24
C ASN F 38 23.54 18.39 -27.69
N GLN F 39 24.37 18.65 -26.66
CA GLN F 39 25.20 17.58 -26.12
C GLN F 39 25.31 17.64 -24.62
N TYR F 40 25.23 16.46 -24.00
CA TYR F 40 25.40 16.25 -22.56
C TYR F 40 26.49 15.23 -22.31
N THR F 41 27.33 15.52 -21.33
CA THR F 41 28.38 14.63 -20.87
C THR F 41 27.83 14.03 -19.58
N VAL F 42 27.92 12.70 -19.47
CA VAL F 42 27.48 11.99 -18.29
C VAL F 42 28.69 11.26 -17.68
N TYR F 43 29.03 11.64 -16.45
CA TYR F 43 30.10 11.01 -15.69
C TYR F 43 29.53 9.82 -14.95
N VAL F 44 29.88 8.62 -15.43
CA VAL F 44 29.39 7.35 -14.90
C VAL F 44 30.50 6.67 -14.14
N LEU F 45 30.17 6.24 -12.94
CA LEU F 45 31.07 5.45 -12.11
C LEU F 45 30.56 4.01 -12.14
N ALA F 46 31.39 3.09 -12.66
CA ALA F 46 31.09 1.65 -12.69
C ALA F 46 31.91 1.07 -11.55
N PHE F 47 31.24 0.65 -10.47
CA PHE F 47 31.91 0.15 -9.27
C PHE F 47 31.41 -1.24 -8.90
N ALA F 48 32.02 -1.86 -7.89
CA ALA F 48 31.57 -3.16 -7.40
C ALA F 48 30.39 -2.95 -6.41
N PHE F 49 29.13 -3.28 -6.77
CA PHE F 49 28.69 -3.84 -8.06
C PHE F 49 27.45 -3.10 -8.53
N GLY F 50 27.67 -1.98 -9.19
CA GLY F 50 26.59 -1.13 -9.66
C GLY F 50 27.11 0.08 -10.40
N TYR F 51 26.22 0.99 -10.73
CA TYR F 51 26.56 2.19 -11.49
C TYR F 51 26.04 3.41 -10.79
N GLN F 52 26.75 4.49 -11.00
CA GLN F 52 26.39 5.81 -10.48
C GLN F 52 26.50 6.84 -11.62
N PRO F 53 25.48 7.69 -11.88
CA PRO F 53 24.17 7.71 -11.23
C PRO F 53 23.29 6.55 -11.71
N ASN F 54 22.21 6.30 -10.99
CA ASN F 54 21.26 5.24 -11.30
C ASN F 54 19.90 5.64 -10.78
N PRO F 55 18.96 6.02 -11.68
CA PRO F 55 19.11 6.04 -13.15
C PRO F 55 19.86 7.24 -13.72
N ILE F 56 20.41 7.06 -14.95
CA ILE F 56 20.97 8.13 -15.75
C ILE F 56 19.75 8.70 -16.49
N GLU F 57 19.51 10.02 -16.43
CA GLU F 57 18.37 10.63 -17.11
C GLU F 57 18.86 11.59 -18.16
N VAL F 58 18.49 11.32 -19.41
CA VAL F 58 18.96 12.12 -20.55
C VAL F 58 17.78 12.43 -21.47
N PRO F 59 17.81 13.58 -22.20
CA PRO F 59 16.71 13.82 -23.16
C PRO F 59 16.96 13.04 -24.48
N GLN F 60 15.89 12.70 -25.19
CA GLN F 60 16.06 12.04 -26.50
C GLN F 60 16.57 13.07 -27.52
N GLY F 61 17.21 12.60 -28.59
CA GLY F 61 17.69 13.46 -29.67
C GLY F 61 18.92 14.28 -29.34
N ALA F 62 19.41 14.18 -28.11
CA ALA F 62 20.62 14.87 -27.70
C ALA F 62 21.82 13.91 -27.80
N GLU F 63 22.99 14.43 -28.13
CA GLU F 63 24.19 13.61 -28.15
C GLU F 63 24.66 13.40 -26.71
N ILE F 64 24.82 12.14 -26.27
CA ILE F 64 25.25 11.88 -24.90
C ILE F 64 26.63 11.24 -24.91
N VAL F 65 27.59 11.95 -24.28
CA VAL F 65 28.97 11.53 -24.16
C VAL F 65 29.16 10.92 -22.75
N PHE F 66 29.17 9.58 -22.69
CA PHE F 66 29.39 8.86 -21.44
C PHE F 66 30.88 8.80 -21.16
N LYS F 67 31.31 9.17 -19.96
CA LYS F 67 32.71 9.17 -19.54
C LYS F 67 32.73 8.31 -18.29
N ILE F 68 33.16 7.06 -18.48
CA ILE F 68 33.05 6.01 -17.49
C ILE F 68 34.39 5.60 -16.92
N THR F 69 34.43 5.47 -15.59
CA THR F 69 35.62 5.00 -14.89
C THR F 69 35.23 4.09 -13.73
N SER F 70 36.21 3.37 -13.23
CA SER F 70 36.11 2.42 -12.15
C SER F 70 37.00 2.75 -11.00
N PRO F 71 36.41 2.66 -9.75
CA PRO F 71 37.28 2.96 -8.64
C PRO F 71 37.90 1.70 -8.03
N ASP F 72 37.55 0.54 -8.53
CA ASP F 72 38.04 -0.71 -8.01
C ASP F 72 38.56 -1.77 -8.99
N VAL F 73 37.68 -2.51 -9.61
CA VAL F 73 37.98 -3.56 -10.56
C VAL F 73 37.41 -3.31 -11.96
N ILE F 74 37.62 -4.26 -12.85
CA ILE F 74 37.16 -4.18 -14.21
C ILE F 74 35.71 -4.42 -14.35
N HIS F 75 35.05 -3.54 -15.08
CA HIS F 75 33.62 -3.68 -15.29
C HIS F 75 33.30 -3.50 -16.76
N GLY F 76 32.10 -3.86 -17.16
CA GLY F 76 31.62 -3.64 -18.52
C GLY F 76 30.58 -2.54 -18.49
N PHE F 77 30.36 -1.90 -19.63
CA PHE F 77 29.32 -0.90 -19.80
C PHE F 77 28.67 -1.15 -21.15
N HIS F 78 27.60 -1.93 -21.14
CA HIS F 78 26.86 -2.26 -22.35
C HIS F 78 25.43 -1.82 -22.17
N VAL F 79 24.95 -0.97 -23.07
CA VAL F 79 23.57 -0.49 -23.03
C VAL F 79 22.78 -1.41 -23.97
N GLU F 80 21.88 -2.21 -23.39
CA GLU F 80 21.06 -3.16 -24.14
C GLU F 80 20.19 -2.45 -25.17
N GLY F 81 20.14 -3.00 -26.36
CA GLY F 81 19.40 -2.43 -27.49
C GLY F 81 20.18 -1.40 -28.29
N THR F 82 21.47 -1.23 -27.99
CA THR F 82 22.34 -0.28 -28.67
C THR F 82 23.70 -0.87 -28.97
N ASN F 83 24.49 -0.04 -29.63
CA ASN F 83 25.85 -0.16 -30.10
C ASN F 83 26.87 -0.07 -28.94
N ILE F 84 26.48 0.55 -27.81
CA ILE F 84 27.36 0.85 -26.68
C ILE F 84 27.78 -0.44 -25.97
N ASN F 85 29.06 -0.80 -26.12
CA ASN F 85 29.65 -2.01 -25.54
C ASN F 85 31.08 -1.68 -25.28
N VAL F 86 31.40 -1.33 -24.04
CA VAL F 86 32.72 -0.85 -23.68
C VAL F 86 33.23 -1.50 -22.36
N GLU F 87 34.55 -1.64 -22.26
CA GLU F 87 35.21 -2.13 -21.05
C GLU F 87 35.64 -0.95 -20.20
N VAL F 88 35.50 -1.07 -18.86
CA VAL F 88 35.79 0.00 -17.89
C VAL F 88 36.92 -0.49 -16.99
N LEU F 89 38.03 0.22 -17.02
CA LEU F 89 39.24 -0.13 -16.27
C LEU F 89 39.54 0.90 -15.19
N PRO F 90 39.95 0.41 -13.99
CA PRO F 90 40.33 1.35 -12.92
C PRO F 90 41.50 2.23 -13.33
N GLY F 91 41.42 3.52 -12.97
CA GLY F 91 42.39 4.56 -13.28
C GLY F 91 42.30 5.05 -14.71
N GLU F 92 41.25 4.60 -15.42
CA GLU F 92 41.05 4.83 -16.85
C GLU F 92 39.68 5.39 -17.19
N VAL F 93 39.61 6.28 -18.18
CA VAL F 93 38.32 6.86 -18.58
C VAL F 93 37.93 6.27 -19.95
N SER F 94 36.77 5.60 -20.00
CA SER F 94 36.20 5.07 -21.24
C SER F 94 35.16 6.06 -21.73
N THR F 95 35.28 6.52 -22.97
CA THR F 95 34.32 7.47 -23.56
C THR F 95 33.53 6.81 -24.71
N VAL F 96 32.18 6.85 -24.65
CA VAL F 96 31.22 6.39 -25.67
C VAL F 96 30.17 7.44 -25.91
N ARG F 97 29.91 7.73 -27.19
CA ARG F 97 28.93 8.71 -27.69
C ARG F 97 27.73 7.98 -28.23
N TYR F 98 26.54 8.51 -27.96
CA TYR F 98 25.32 7.94 -28.50
C TYR F 98 24.20 8.96 -28.48
N THR F 99 23.29 8.91 -29.47
CA THR F 99 22.09 9.74 -29.53
C THR F 99 20.91 8.82 -29.46
N PHE F 100 20.16 8.90 -28.34
CA PHE F 100 18.98 8.07 -28.14
C PHE F 100 17.81 8.69 -28.90
N LYS F 101 17.26 7.97 -29.85
CA LYS F 101 16.16 8.47 -30.67
C LYS F 101 14.80 7.98 -30.17
N ARG F 102 14.78 6.98 -29.27
CA ARG F 102 13.52 6.47 -28.76
C ARG F 102 13.43 6.66 -27.24
N PRO F 103 12.35 7.29 -26.70
CA PRO F 103 12.26 7.45 -25.25
C PRO F 103 11.95 6.13 -24.57
N GLY F 104 12.28 6.02 -23.31
CA GLY F 104 12.05 4.82 -22.53
C GLY F 104 13.23 4.47 -21.65
N GLU F 105 13.19 3.25 -21.11
CA GLU F 105 14.21 2.74 -20.21
C GLU F 105 15.12 1.75 -20.89
N TYR F 106 16.42 1.95 -20.69
CA TYR F 106 17.47 1.09 -21.22
C TYR F 106 18.28 0.53 -20.08
N ARG F 107 18.61 -0.75 -20.18
CA ARG F 107 19.37 -1.40 -19.16
C ARG F 107 20.85 -1.37 -19.50
N ILE F 108 21.69 -1.08 -18.49
CA ILE F 108 23.15 -1.13 -18.53
C ILE F 108 23.56 -2.46 -17.91
N ILE F 109 24.36 -3.23 -18.64
CA ILE F 109 24.79 -4.54 -18.20
C ILE F 109 26.30 -4.65 -18.13
N CYS F 110 26.77 -5.45 -17.18
CA CYS F 110 28.18 -5.78 -16.96
C CYS F 110 28.36 -7.27 -17.22
N THR F 111 29.18 -7.62 -18.24
CA THR F 111 29.44 -9.02 -18.64
C THR F 111 30.10 -9.83 -17.49
N PRO F 112 31.23 -9.41 -16.87
CA PRO F 112 31.81 -10.24 -15.77
C PRO F 112 30.92 -10.40 -14.53
N HIS F 113 30.07 -9.40 -14.21
CA HIS F 113 29.21 -9.43 -13.02
C HIS F 113 27.73 -9.42 -13.44
N PRO F 114 27.12 -10.63 -13.59
CA PRO F 114 25.74 -10.71 -14.13
C PRO F 114 24.65 -10.14 -13.21
N PHE F 115 25.01 -9.76 -11.96
CA PHE F 115 24.11 -9.18 -10.95
C PHE F 115 24.23 -7.64 -10.91
N MET F 116 25.15 -7.08 -11.71
CA MET F 116 25.49 -5.66 -11.77
C MET F 116 24.71 -4.95 -12.91
N PHE F 117 23.76 -4.10 -12.54
CA PHE F 117 22.90 -3.42 -13.51
C PHE F 117 22.78 -1.97 -13.25
N GLY F 118 22.47 -1.25 -14.32
CA GLY F 118 22.22 0.18 -14.33
C GLY F 118 21.05 0.49 -15.23
N THR F 119 20.54 1.72 -15.13
CA THR F 119 19.38 2.15 -15.87
C THR F 119 19.63 3.50 -16.49
N ILE F 120 19.17 3.66 -17.72
CA ILE F 120 19.15 4.90 -18.45
C ILE F 120 17.71 5.18 -18.76
N VAL F 121 17.23 6.37 -18.40
CA VAL F 121 15.88 6.82 -18.73
C VAL F 121 16.03 7.91 -19.78
N VAL F 122 15.51 7.66 -21.01
CA VAL F 122 15.59 8.71 -22.01
C VAL F 122 14.18 9.33 -22.09
N LYS F 123 14.15 10.64 -21.77
CA LYS F 123 12.93 11.45 -21.68
C LYS F 123 12.53 11.97 -23.05
N GLU F 124 11.22 12.13 -23.27
CA GLU F 124 10.61 12.63 -24.51
C GLU F 124 10.98 14.09 -24.75
N VAL G 14 -28.39 2.85 -38.13
CA VAL G 14 -28.39 1.54 -37.46
C VAL G 14 -29.65 1.36 -36.61
N ASP G 15 -30.07 0.10 -36.39
CA ASP G 15 -31.24 -0.20 -35.56
C ASP G 15 -30.73 -0.27 -34.12
N PRO G 16 -31.12 0.66 -33.21
CA PRO G 16 -30.58 0.61 -31.84
C PRO G 16 -31.01 -0.63 -31.03
N THR G 17 -32.16 -1.23 -31.38
CA THR G 17 -32.70 -2.41 -30.67
C THR G 17 -31.95 -3.72 -31.01
N THR G 18 -31.18 -3.75 -32.12
CA THR G 18 -30.46 -4.97 -32.56
C THR G 18 -28.93 -4.78 -32.65
N VAL G 19 -28.44 -3.57 -32.34
CA VAL G 19 -27.03 -3.20 -32.43
C VAL G 19 -26.13 -4.06 -31.49
N ARG G 20 -26.68 -4.56 -30.37
CA ARG G 20 -25.98 -5.43 -29.44
C ARG G 20 -26.00 -6.90 -29.88
N GLN G 21 -26.83 -7.27 -30.88
CA GLN G 21 -26.94 -8.67 -31.33
C GLN G 21 -26.38 -8.91 -32.72
N GLU G 22 -26.40 -7.90 -33.60
CA GLU G 22 -25.93 -8.05 -34.97
C GLU G 22 -25.27 -6.79 -35.46
N GLY G 23 -24.24 -6.94 -36.27
CA GLY G 23 -23.49 -5.83 -36.84
C GLY G 23 -22.12 -5.65 -36.21
N PRO G 24 -21.43 -4.53 -36.55
CA PRO G 24 -20.05 -4.34 -36.04
C PRO G 24 -19.89 -4.01 -34.55
N TRP G 25 -20.99 -3.71 -33.82
CA TRP G 25 -20.96 -3.42 -32.39
C TRP G 25 -21.44 -4.60 -31.54
N ALA G 26 -21.81 -5.73 -32.14
CA ALA G 26 -22.32 -6.89 -31.40
C ALA G 26 -21.25 -7.55 -30.54
N ASP G 27 -20.03 -7.69 -31.09
CA ASP G 27 -18.92 -8.33 -30.40
C ASP G 27 -17.81 -7.32 -30.06
N PRO G 28 -17.68 -6.89 -28.77
CA PRO G 28 -16.61 -5.92 -28.42
C PRO G 28 -15.18 -6.49 -28.57
N ALA G 29 -15.02 -7.82 -28.68
CA ALA G 29 -13.71 -8.42 -28.93
C ALA G 29 -13.29 -8.21 -30.42
N GLN G 30 -14.22 -7.74 -31.28
CA GLN G 30 -13.97 -7.51 -32.70
C GLN G 30 -14.16 -6.02 -33.07
N ALA G 31 -14.05 -5.16 -32.08
CA ALA G 31 -14.24 -3.72 -32.22
C ALA G 31 -13.17 -3.01 -33.09
N VAL G 32 -11.92 -3.53 -33.13
CA VAL G 32 -10.80 -2.90 -33.83
C VAL G 32 -10.56 -3.60 -35.16
N VAL G 33 -10.71 -2.85 -36.26
CA VAL G 33 -10.55 -3.31 -37.65
C VAL G 33 -9.55 -2.40 -38.40
N GLN G 34 -8.54 -2.97 -39.11
CA GLN G 34 -7.61 -2.15 -39.88
C GLN G 34 -8.30 -1.76 -41.17
N THR G 35 -8.42 -0.47 -41.45
CA THR G 35 -9.14 0.02 -42.64
C THR G 35 -8.27 0.84 -43.59
N GLY G 36 -6.99 0.95 -43.29
CA GLY G 36 -6.05 1.66 -44.14
C GLY G 36 -4.63 1.27 -43.82
N PRO G 37 -3.62 1.66 -44.64
CA PRO G 37 -2.22 1.31 -44.34
C PRO G 37 -1.78 1.71 -42.92
N ASN G 38 -2.23 2.85 -42.42
CA ASN G 38 -1.92 3.30 -41.07
C ASN G 38 -3.22 3.74 -40.38
N GLN G 39 -4.31 2.99 -40.60
CA GLN G 39 -5.58 3.39 -40.05
C GLN G 39 -6.36 2.22 -39.49
N TYR G 40 -6.94 2.43 -38.31
CA TYR G 40 -7.82 1.48 -37.63
C TYR G 40 -9.17 2.10 -37.35
N THR G 41 -10.24 1.35 -37.57
CA THR G 41 -11.61 1.74 -37.25
C THR G 41 -11.94 1.00 -35.98
N VAL G 42 -12.48 1.74 -35.00
CA VAL G 42 -12.85 1.19 -33.71
C VAL G 42 -14.35 1.40 -33.51
N TYR G 43 -15.11 0.29 -33.43
CA TYR G 43 -16.55 0.31 -33.19
C TYR G 43 -16.78 0.41 -31.69
N VAL G 44 -17.23 1.58 -31.25
CA VAL G 44 -17.48 1.88 -29.86
C VAL G 44 -18.98 1.92 -29.62
N LEU G 45 -19.40 1.23 -28.57
CA LEU G 45 -20.78 1.32 -28.11
C LEU G 45 -20.80 2.18 -26.85
N ALA G 46 -21.50 3.30 -26.89
CA ALA G 46 -21.73 4.20 -25.77
C ALA G 46 -23.13 3.90 -25.28
N PHE G 47 -23.24 3.31 -24.12
CA PHE G 47 -24.53 2.88 -23.58
C PHE G 47 -24.72 3.41 -22.20
N ALA G 48 -25.91 3.17 -21.59
CA ALA G 48 -26.18 3.60 -20.21
C ALA G 48 -25.59 2.55 -19.23
N PHE G 49 -24.51 2.86 -18.50
CA PHE G 49 -23.71 4.10 -18.53
C PHE G 49 -22.22 3.74 -18.58
N GLY G 50 -21.73 3.48 -19.77
CA GLY G 50 -20.34 3.07 -19.99
C GLY G 50 -20.01 2.91 -21.46
N TYR G 51 -18.81 2.36 -21.73
CA TYR G 51 -18.32 2.17 -23.09
C TYR G 51 -17.78 0.79 -23.29
N GLN G 52 -17.84 0.33 -24.53
CA GLN G 52 -17.21 -0.94 -24.90
C GLN G 52 -16.67 -0.76 -26.30
N PRO G 53 -15.42 -1.21 -26.56
CA PRO G 53 -14.56 -1.93 -25.61
C PRO G 53 -13.98 -1.00 -24.57
N ASN G 54 -13.52 -1.58 -23.49
CA ASN G 54 -12.92 -0.87 -22.38
C ASN G 54 -11.87 -1.77 -21.73
N PRO G 55 -10.57 -1.47 -21.90
CA PRO G 55 -10.02 -0.32 -22.63
C PRO G 55 -9.98 -0.53 -24.15
N ILE G 56 -9.91 0.59 -24.87
CA ILE G 56 -9.65 0.64 -26.30
C ILE G 56 -8.11 0.66 -26.39
N GLU G 57 -7.49 -0.26 -27.13
CA GLU G 57 -6.03 -0.30 -27.25
C GLU G 57 -5.62 -0.02 -28.67
N VAL G 58 -4.85 1.06 -28.87
CA VAL G 58 -4.47 1.47 -30.22
C VAL G 58 -2.98 1.80 -30.27
N PRO G 59 -2.30 1.65 -31.44
CA PRO G 59 -0.88 2.05 -31.48
C PRO G 59 -0.72 3.58 -31.67
N GLN G 60 0.38 4.19 -31.16
CA GLN G 60 0.59 5.62 -31.40
C GLN G 60 1.01 5.90 -32.87
N GLY G 61 0.65 7.07 -33.38
CA GLY G 61 1.01 7.43 -34.74
C GLY G 61 0.09 6.87 -35.81
N ALA G 62 -0.89 6.06 -35.42
CA ALA G 62 -1.84 5.47 -36.37
C ALA G 62 -3.09 6.33 -36.35
N GLU G 63 -3.77 6.45 -37.50
CA GLU G 63 -5.03 7.15 -37.53
C GLU G 63 -6.12 6.24 -36.98
N ILE G 64 -6.88 6.75 -36.00
CA ILE G 64 -7.93 5.92 -35.43
C ILE G 64 -9.27 6.57 -35.75
N VAL G 65 -10.17 5.80 -36.39
CA VAL G 65 -11.50 6.23 -36.80
C VAL G 65 -12.53 5.57 -35.83
N PHE G 66 -12.99 6.33 -34.88
CA PHE G 66 -14.00 5.87 -33.93
C PHE G 66 -15.37 5.91 -34.59
N LYS G 67 -16.10 4.80 -34.53
CA LYS G 67 -17.49 4.67 -35.05
C LYS G 67 -18.35 4.37 -33.84
N ILE G 68 -19.01 5.42 -33.33
CA ILE G 68 -19.74 5.32 -32.07
C ILE G 68 -21.23 5.39 -32.27
N THR G 69 -21.93 4.47 -31.60
CA THR G 69 -23.37 4.39 -31.58
C THR G 69 -23.93 4.05 -30.20
N SER G 70 -25.19 4.36 -30.02
CA SER G 70 -25.91 4.16 -28.79
C SER G 70 -27.11 3.29 -28.93
N PRO G 71 -27.30 2.36 -27.93
CA PRO G 71 -28.49 1.53 -28.05
C PRO G 71 -29.64 2.03 -27.14
N ASP G 72 -29.48 3.17 -26.50
CA ASP G 72 -30.54 3.67 -25.65
C ASP G 72 -30.87 5.17 -25.80
N VAL G 73 -30.09 6.00 -25.18
CA VAL G 73 -30.26 7.40 -25.21
C VAL G 73 -29.03 8.08 -25.76
N ILE G 74 -29.04 9.40 -25.75
CA ILE G 74 -27.95 10.22 -26.17
C ILE G 74 -26.83 10.24 -25.13
N HIS G 75 -25.61 10.08 -25.61
CA HIS G 75 -24.39 10.06 -24.81
C HIS G 75 -23.38 11.00 -25.46
N GLY G 76 -22.33 11.31 -24.72
CA GLY G 76 -21.21 12.06 -25.22
C GLY G 76 -20.01 11.13 -25.33
N PHE G 77 -19.06 11.49 -26.18
CA PHE G 77 -17.80 10.79 -26.35
C PHE G 77 -16.71 11.85 -26.44
N HIS G 78 -16.12 12.15 -25.28
CA HIS G 78 -15.06 13.13 -25.20
C HIS G 78 -13.81 12.47 -24.64
N VAL G 79 -12.71 12.53 -25.39
CA VAL G 79 -11.43 11.97 -24.94
C VAL G 79 -10.66 13.11 -24.31
N GLU G 80 -10.45 13.01 -22.98
CA GLU G 80 -9.77 14.03 -22.19
C GLU G 80 -8.34 14.26 -22.70
N GLY G 81 -7.95 15.53 -22.81
CA GLY G 81 -6.64 15.93 -23.32
C GLY G 81 -6.56 16.00 -24.84
N THR G 82 -7.72 15.89 -25.52
CA THR G 82 -7.84 15.96 -26.98
C THR G 82 -9.03 16.85 -27.36
N ASN G 83 -9.18 17.13 -28.66
CA ASN G 83 -10.30 17.89 -29.20
C ASN G 83 -11.43 16.92 -29.64
N ILE G 84 -11.35 15.63 -29.28
CA ILE G 84 -12.41 14.66 -29.57
C ILE G 84 -13.54 14.96 -28.60
N ASN G 85 -14.66 15.50 -29.11
CA ASN G 85 -15.83 15.88 -28.32
C ASN G 85 -17.04 15.72 -29.22
N VAL G 86 -17.67 14.55 -29.14
CA VAL G 86 -18.73 14.21 -30.06
C VAL G 86 -19.99 13.69 -29.35
N GLU G 87 -21.13 13.91 -30.00
CA GLU G 87 -22.47 13.51 -29.57
C GLU G 87 -22.80 12.14 -30.11
N VAL G 88 -23.42 11.29 -29.29
CA VAL G 88 -23.73 9.92 -29.73
C VAL G 88 -25.24 9.72 -29.63
N LEU G 89 -25.88 9.41 -30.76
CA LEU G 89 -27.33 9.30 -30.83
C LEU G 89 -27.80 7.87 -31.11
N PRO G 90 -28.93 7.44 -30.53
CA PRO G 90 -29.47 6.13 -30.90
C PRO G 90 -29.87 6.12 -32.38
N GLY G 91 -29.58 5.02 -33.06
CA GLY G 91 -29.93 4.85 -34.46
C GLY G 91 -29.00 5.54 -35.45
N GLU G 92 -27.95 6.24 -34.96
CA GLU G 92 -27.00 6.97 -35.79
C GLU G 92 -25.57 6.69 -35.37
N VAL G 93 -24.65 6.76 -36.33
CA VAL G 93 -23.23 6.50 -36.12
C VAL G 93 -22.44 7.82 -36.08
N SER G 94 -21.67 8.03 -35.00
CA SER G 94 -20.79 9.20 -34.86
C SER G 94 -19.37 8.82 -35.21
N THR G 95 -18.80 9.48 -36.23
CA THR G 95 -17.45 9.19 -36.71
C THR G 95 -16.49 10.28 -36.30
N VAL G 96 -15.41 9.88 -35.58
CA VAL G 96 -14.31 10.74 -35.09
C VAL G 96 -12.99 10.17 -35.50
N ARG G 97 -12.13 10.93 -36.16
CA ARG G 97 -10.78 10.40 -36.44
C ARG G 97 -9.77 11.13 -35.59
N TYR G 98 -8.73 10.43 -35.22
CA TYR G 98 -7.68 11.03 -34.43
C TYR G 98 -6.39 10.24 -34.50
N THR G 99 -5.25 10.93 -34.42
CA THR G 99 -3.92 10.30 -34.39
C THR G 99 -3.31 10.63 -33.06
N PHE G 100 -3.14 9.61 -32.19
CA PHE G 100 -2.54 9.79 -30.88
C PHE G 100 -1.03 9.82 -31.05
N LYS G 101 -0.44 10.94 -30.65
CA LYS G 101 0.99 11.21 -30.80
C LYS G 101 1.79 10.84 -29.54
N ARG G 102 1.16 10.71 -28.37
CA ARG G 102 1.89 10.36 -27.14
C ARG G 102 1.29 9.11 -26.53
N PRO G 103 2.12 8.11 -26.18
CA PRO G 103 1.59 6.90 -25.53
C PRO G 103 1.09 7.21 -24.12
N GLY G 104 0.24 6.33 -23.61
CA GLY G 104 -0.34 6.47 -22.29
C GLY G 104 -1.83 6.22 -22.25
N GLU G 105 -2.45 6.56 -21.12
CA GLU G 105 -3.86 6.33 -20.88
C GLU G 105 -4.66 7.59 -20.97
N TYR G 106 -5.75 7.53 -21.73
CA TYR G 106 -6.69 8.63 -21.92
C TYR G 106 -8.05 8.24 -21.42
N ARG G 107 -8.72 9.13 -20.73
CA ARG G 107 -10.05 8.87 -20.22
C ARG G 107 -11.11 9.36 -21.21
N ILE G 108 -12.16 8.56 -21.39
CA ILE G 108 -13.37 8.88 -22.18
C ILE G 108 -14.45 9.33 -21.19
N ILE G 109 -15.03 10.50 -21.43
CA ILE G 109 -16.02 11.12 -20.55
C ILE G 109 -17.33 11.45 -21.29
N CYS G 110 -18.46 11.42 -20.57
CA CYS G 110 -19.80 11.73 -21.11
C CYS G 110 -20.36 12.91 -20.32
N THR G 111 -20.56 14.06 -21.03
CA THR G 111 -21.04 15.33 -20.47
C THR G 111 -22.37 15.12 -19.69
N PRO G 112 -23.48 14.59 -20.29
CA PRO G 112 -24.71 14.43 -19.48
C PRO G 112 -24.59 13.45 -18.31
N HIS G 113 -23.74 12.41 -18.41
CA HIS G 113 -23.60 11.39 -17.35
C HIS G 113 -22.17 11.43 -16.76
N PRO G 114 -21.93 12.21 -15.67
CA PRO G 114 -20.55 12.35 -15.14
C PRO G 114 -19.95 11.12 -14.45
N PHE G 115 -20.74 10.05 -14.30
CA PHE G 115 -20.36 8.77 -13.70
C PHE G 115 -20.01 7.75 -14.81
N MET G 116 -20.14 8.15 -16.09
CA MET G 116 -19.91 7.36 -17.30
C MET G 116 -18.46 7.53 -17.81
N PHE G 117 -17.63 6.45 -17.71
CA PHE G 117 -16.23 6.52 -18.11
C PHE G 117 -15.74 5.33 -18.93
N GLY G 118 -14.77 5.64 -19.77
CA GLY G 118 -14.06 4.71 -20.64
C GLY G 118 -12.57 4.99 -20.61
N THR G 119 -11.77 4.09 -21.17
CA THR G 119 -10.31 4.20 -21.21
C THR G 119 -9.79 3.86 -22.59
N ILE G 120 -8.80 4.63 -23.04
CA ILE G 120 -8.04 4.41 -24.25
C ILE G 120 -6.59 4.24 -23.81
N VAL G 121 -5.96 3.17 -24.25
CA VAL G 121 -4.54 2.93 -24.01
C VAL G 121 -3.82 3.09 -25.35
N VAL G 122 -2.91 4.07 -25.46
CA VAL G 122 -2.18 4.19 -26.72
C VAL G 122 -0.78 3.66 -26.45
N LYS G 123 -0.45 2.61 -27.21
CA LYS G 123 0.79 1.84 -27.10
C LYS G 123 1.93 2.49 -27.86
N GLU G 124 3.17 2.33 -27.39
CA GLU G 124 4.41 2.88 -28.00
C GLU G 124 4.65 2.33 -29.42
N LEU H 11 2.80 17.76 10.54
CA LEU H 11 1.69 18.48 11.17
C LEU H 11 1.96 20.01 11.23
N GLU H 12 1.34 20.79 10.29
CA GLU H 12 1.45 22.26 10.23
C GLU H 12 0.25 22.92 10.90
N ARG H 13 0.53 23.77 11.89
CA ARG H 13 -0.52 24.45 12.64
C ARG H 13 -0.65 25.89 12.20
N VAL H 14 -1.90 26.40 12.24
CA VAL H 14 -2.27 27.79 11.89
C VAL H 14 -3.36 28.25 12.84
N ASP H 15 -3.48 29.58 13.03
CA ASP H 15 -4.53 30.17 13.84
C ASP H 15 -5.77 30.32 12.96
N PRO H 16 -6.86 29.54 13.20
CA PRO H 16 -8.04 29.65 12.31
C PRO H 16 -8.77 31.00 12.40
N THR H 17 -8.61 31.73 13.53
CA THR H 17 -9.28 33.02 13.75
C THR H 17 -8.63 34.16 12.94
N THR H 18 -7.38 34.00 12.46
CA THR H 18 -6.65 35.06 11.74
C THR H 18 -6.24 34.67 10.29
N VAL H 19 -6.58 33.45 9.89
CA VAL H 19 -6.22 32.89 8.60
C VAL H 19 -6.81 33.70 7.40
N ARG H 20 -7.97 34.34 7.59
CA ARG H 20 -8.59 35.20 6.58
C ARG H 20 -8.02 36.62 6.57
N GLN H 21 -7.23 37.01 7.58
CA GLN H 21 -6.70 38.37 7.64
C GLN H 21 -5.21 38.47 7.38
N GLU H 22 -4.46 37.43 7.75
CA GLU H 22 -3.02 37.44 7.60
C GLU H 22 -2.48 36.07 7.26
N GLY H 23 -1.44 36.06 6.44
CA GLY H 23 -0.82 34.82 6.00
C GLY H 23 -1.15 34.44 4.57
N PRO H 24 -0.78 33.21 4.16
CA PRO H 24 -0.95 32.83 2.74
C PRO H 24 -2.39 32.58 2.25
N TRP H 25 -3.40 32.51 3.15
CA TRP H 25 -4.80 32.32 2.77
C TRP H 25 -5.62 33.63 2.82
N ALA H 26 -5.00 34.75 3.24
CA ALA H 26 -5.69 36.03 3.40
C ALA H 26 -6.14 36.64 2.07
N ASP H 27 -5.25 36.57 1.05
CA ASP H 27 -5.51 37.15 -0.25
C ASP H 27 -5.70 36.05 -1.32
N PRO H 28 -6.96 35.82 -1.77
CA PRO H 28 -7.19 34.77 -2.80
C PRO H 28 -6.54 35.04 -4.15
N ALA H 29 -6.15 36.29 -4.43
CA ALA H 29 -5.45 36.67 -5.66
C ALA H 29 -3.98 36.19 -5.63
N GLN H 30 -3.51 35.79 -4.45
CA GLN H 30 -2.15 35.30 -4.25
C GLN H 30 -2.13 33.83 -3.82
N ALA H 31 -3.21 33.08 -4.05
CA ALA H 31 -3.34 31.69 -3.67
C ALA H 31 -2.38 30.75 -4.41
N VAL H 32 -2.04 31.06 -5.68
CA VAL H 32 -1.17 30.25 -6.52
C VAL H 32 0.22 30.85 -6.55
N VAL H 33 1.19 30.11 -6.00
CA VAL H 33 2.58 30.53 -5.88
C VAL H 33 3.46 29.50 -6.59
N GLN H 34 4.26 29.95 -7.54
CA GLN H 34 5.19 29.06 -8.21
C GLN H 34 6.36 28.79 -7.28
N THR H 35 6.61 27.52 -6.96
CA THR H 35 7.67 27.13 -6.02
C THR H 35 8.76 26.26 -6.69
N GLY H 36 8.63 26.02 -7.99
CA GLY H 36 9.60 25.25 -8.78
C GLY H 36 9.42 25.48 -10.26
N PRO H 37 10.36 25.04 -11.15
CA PRO H 37 10.17 25.28 -12.61
C PRO H 37 8.83 24.72 -13.14
N ASN H 38 8.40 23.58 -12.61
CA ASN H 38 7.11 22.98 -13.00
C ASN H 38 6.29 22.66 -11.72
N GLN H 39 6.41 23.51 -10.68
CA GLN H 39 5.68 23.28 -9.45
C GLN H 39 5.00 24.54 -8.90
N TYR H 40 3.75 24.35 -8.46
CA TYR H 40 2.94 25.40 -7.87
C TYR H 40 2.38 24.95 -6.54
N THR H 41 2.42 25.85 -5.55
CA THR H 41 1.78 25.66 -4.26
C THR H 41 0.47 26.47 -4.35
N VAL H 42 -0.64 25.85 -3.95
CA VAL H 42 -1.96 26.51 -3.99
C VAL H 42 -2.51 26.55 -2.56
N TYR H 43 -2.72 27.75 -2.04
CA TYR H 43 -3.31 27.96 -0.71
C TYR H 43 -4.83 27.99 -0.87
N VAL H 44 -5.47 26.92 -0.40
CA VAL H 44 -6.92 26.76 -0.49
C VAL H 44 -7.54 26.94 0.88
N LEU H 45 -8.57 27.75 0.95
CA LEU H 45 -9.37 27.88 2.14
C LEU H 45 -10.70 27.13 1.91
N ALA H 46 -10.97 26.13 2.73
CA ALA H 46 -12.23 25.40 2.72
C ALA H 46 -13.04 25.96 3.87
N PHE H 47 -14.12 26.68 3.58
CA PHE H 47 -14.92 27.35 4.61
C PHE H 47 -16.40 26.96 4.48
N ALA H 48 -17.25 27.42 5.43
CA ALA H 48 -18.69 27.18 5.37
C ALA H 48 -19.36 28.24 4.44
N PHE H 49 -19.82 27.87 3.23
CA PHE H 49 -19.78 26.53 2.63
C PHE H 49 -19.30 26.69 1.18
N GLY H 50 -17.99 26.72 1.01
CA GLY H 50 -17.34 26.92 -0.29
C GLY H 50 -15.83 26.86 -0.21
N TYR H 51 -15.17 27.18 -1.32
CA TYR H 51 -13.70 27.15 -1.38
C TYR H 51 -13.17 28.45 -1.93
N GLN H 52 -11.97 28.79 -1.50
CA GLN H 52 -11.24 29.96 -1.94
C GLN H 52 -9.82 29.52 -2.33
N PRO H 53 -9.30 29.92 -3.52
CA PRO H 53 -9.97 30.68 -4.58
C PRO H 53 -11.02 29.82 -5.30
N ASN H 54 -11.88 30.47 -6.08
CA ASN H 54 -12.88 29.78 -6.87
C ASN H 54 -13.12 30.57 -8.15
N PRO H 55 -12.67 30.05 -9.31
CA PRO H 55 -11.96 28.76 -9.49
C PRO H 55 -10.48 28.79 -9.11
N ILE H 56 -9.91 27.59 -8.87
CA ILE H 56 -8.48 27.38 -8.73
C ILE H 56 -7.99 27.19 -10.16
N GLU H 57 -6.97 27.92 -10.61
CA GLU H 57 -6.47 27.78 -11.97
C GLU H 57 -5.02 27.33 -11.93
N VAL H 58 -4.76 26.16 -12.49
CA VAL H 58 -3.42 25.59 -12.52
C VAL H 58 -3.09 25.10 -13.95
N PRO H 59 -1.81 25.07 -14.37
CA PRO H 59 -1.50 24.53 -15.69
C PRO H 59 -1.43 22.99 -15.66
N GLN H 60 -1.73 22.36 -16.80
CA GLN H 60 -1.68 20.90 -16.91
C GLN H 60 -0.22 20.44 -16.90
N GLY H 61 0.02 19.26 -16.33
CA GLY H 61 1.34 18.65 -16.26
C GLY H 61 2.22 19.17 -15.14
N ALA H 62 1.76 20.20 -14.42
CA ALA H 62 2.52 20.80 -13.33
C ALA H 62 2.26 20.11 -12.02
N GLU H 63 3.30 20.03 -11.19
CA GLU H 63 3.16 19.43 -9.86
C GLU H 63 2.49 20.44 -8.96
N ILE H 64 1.32 20.10 -8.49
CA ILE H 64 0.58 21.00 -7.60
C ILE H 64 0.73 20.51 -6.16
N VAL H 65 0.96 21.45 -5.26
CA VAL H 65 0.99 21.20 -3.83
C VAL H 65 -0.15 22.04 -3.19
N PHE H 66 -1.30 21.40 -2.94
CA PHE H 66 -2.42 22.08 -2.26
C PHE H 66 -2.14 22.18 -0.77
N LYS H 67 -2.31 23.38 -0.21
CA LYS H 67 -2.17 23.68 1.22
C LYS H 67 -3.54 24.16 1.68
N ILE H 68 -4.30 23.26 2.29
CA ILE H 68 -5.70 23.50 2.63
C ILE H 68 -5.93 23.62 4.13
N THR H 69 -6.69 24.66 4.51
CA THR H 69 -7.07 24.87 5.92
C THR H 69 -8.50 25.43 5.97
N SER H 70 -9.02 25.44 7.18
CA SER H 70 -10.36 25.86 7.50
C SER H 70 -10.39 26.98 8.50
N PRO H 71 -11.30 28.01 8.20
CA PRO H 71 -11.38 29.04 9.21
C PRO H 71 -12.55 28.85 10.17
N ASP H 72 -13.35 27.81 9.98
CA ASP H 72 -14.54 27.57 10.77
C ASP H 72 -14.73 26.15 11.31
N VAL H 73 -15.12 25.23 10.44
CA VAL H 73 -15.45 23.85 10.79
C VAL H 73 -14.73 22.84 9.90
N ILE H 74 -14.84 21.57 10.23
CA ILE H 74 -14.29 20.51 9.42
C ILE H 74 -14.95 20.44 8.05
N HIS H 75 -14.13 20.27 7.03
CA HIS H 75 -14.63 20.14 5.66
C HIS H 75 -13.88 19.00 4.97
N GLY H 76 -14.37 18.63 3.80
CA GLY H 76 -13.71 17.66 2.94
C GLY H 76 -13.16 18.41 1.74
N PHE H 77 -12.14 17.85 1.12
CA PHE H 77 -11.57 18.37 -0.10
C PHE H 77 -11.38 17.17 -1.00
N HIS H 78 -12.35 16.96 -1.86
CA HIS H 78 -12.42 15.84 -2.77
C HIS H 78 -12.56 16.36 -4.20
N VAL H 79 -11.54 16.07 -5.04
CA VAL H 79 -11.60 16.50 -6.42
C VAL H 79 -12.16 15.35 -7.23
N GLU H 80 -13.38 15.54 -7.78
CA GLU H 80 -14.08 14.50 -8.59
C GLU H 80 -13.24 14.11 -9.79
N GLY H 81 -13.18 12.81 -10.07
CA GLY H 81 -12.39 12.24 -11.16
C GLY H 81 -10.94 12.01 -10.79
N THR H 82 -10.59 12.16 -9.49
CA THR H 82 -9.22 11.97 -8.97
C THR H 82 -9.28 11.18 -7.65
N ASN H 83 -8.11 10.80 -7.12
CA ASN H 83 -8.02 10.10 -5.84
C ASN H 83 -7.74 11.11 -4.72
N ILE H 84 -7.89 12.42 -5.00
CA ILE H 84 -7.74 13.47 -3.98
C ILE H 84 -9.00 13.42 -3.12
N ASN H 85 -8.89 12.97 -1.88
CA ASN H 85 -10.03 12.83 -0.95
C ASN H 85 -9.48 13.02 0.46
N VAL H 86 -9.47 14.27 0.91
CA VAL H 86 -8.78 14.66 2.13
C VAL H 86 -9.69 15.42 3.10
N GLU H 87 -9.38 15.30 4.40
CA GLU H 87 -10.07 16.01 5.47
C GLU H 87 -9.38 17.35 5.71
N VAL H 88 -10.17 18.40 5.96
CA VAL H 88 -9.68 19.74 6.25
C VAL H 88 -10.14 20.14 7.66
N LEU H 89 -9.17 20.37 8.56
CA LEU H 89 -9.46 20.72 9.94
C LEU H 89 -9.05 22.14 10.29
N PRO H 90 -9.92 22.88 11.04
CA PRO H 90 -9.50 24.23 11.50
C PRO H 90 -8.27 24.15 12.40
N GLY H 91 -7.30 25.04 12.16
CA GLY H 91 -6.05 25.07 12.92
C GLY H 91 -4.96 24.18 12.37
N GLU H 92 -5.25 23.41 11.29
CA GLU H 92 -4.30 22.50 10.67
C GLU H 92 -4.24 22.67 9.18
N VAL H 93 -3.06 22.41 8.59
CA VAL H 93 -2.85 22.51 7.16
C VAL H 93 -2.81 21.10 6.57
N SER H 94 -3.72 20.82 5.61
CA SER H 94 -3.74 19.56 4.87
C SER H 94 -2.95 19.78 3.60
N THR H 95 -1.95 18.91 3.34
CA THR H 95 -1.13 18.99 2.12
C THR H 95 -1.51 17.83 1.18
N VAL H 96 -1.86 18.19 -0.07
CA VAL H 96 -2.21 17.24 -1.15
C VAL H 96 -1.33 17.55 -2.35
N ARG H 97 -0.62 16.53 -2.84
CA ARG H 97 0.25 16.66 -4.01
C ARG H 97 -0.41 15.95 -5.18
N TYR H 98 -0.58 16.68 -6.32
CA TYR H 98 -1.22 16.09 -7.50
C TYR H 98 -0.74 16.76 -8.77
N THR H 99 -0.63 15.96 -9.83
CA THR H 99 -0.27 16.45 -11.16
C THR H 99 -1.46 16.18 -12.07
N PHE H 100 -2.12 17.24 -12.53
CA PHE H 100 -3.25 17.11 -13.44
C PHE H 100 -2.72 16.91 -14.85
N LYS H 101 -2.99 15.76 -15.43
CA LYS H 101 -2.50 15.39 -16.76
C LYS H 101 -3.47 15.74 -17.86
N ARG H 102 -4.75 15.91 -17.50
CA ARG H 102 -5.84 16.25 -18.44
C ARG H 102 -6.36 17.67 -18.23
N PRO H 103 -6.40 18.56 -19.24
CA PRO H 103 -6.97 19.90 -19.02
C PRO H 103 -8.49 19.80 -18.89
N GLY H 104 -9.09 20.83 -18.32
CA GLY H 104 -10.53 20.88 -18.15
C GLY H 104 -10.95 21.38 -16.79
N GLU H 105 -12.25 21.25 -16.50
CA GLU H 105 -12.81 21.66 -15.22
C GLU H 105 -13.09 20.48 -14.33
N TYR H 106 -12.68 20.60 -13.08
CA TYR H 106 -12.87 19.58 -12.06
C TYR H 106 -13.67 20.16 -10.93
N ARG H 107 -14.63 19.40 -10.44
CA ARG H 107 -15.46 19.82 -9.32
C ARG H 107 -14.84 19.37 -7.99
N ILE H 108 -14.83 20.29 -7.01
CA ILE H 108 -14.39 20.03 -5.63
C ILE H 108 -15.66 19.79 -4.82
N ILE H 109 -15.70 18.68 -4.08
CA ILE H 109 -16.86 18.25 -3.29
C ILE H 109 -16.48 18.05 -1.83
N CYS H 110 -17.46 18.27 -0.95
CA CYS H 110 -17.33 18.13 0.49
C CYS H 110 -18.34 17.09 0.98
N THR H 111 -17.83 15.97 1.57
CA THR H 111 -18.65 14.84 2.05
C THR H 111 -19.69 15.31 3.11
N PRO H 112 -19.32 15.96 4.26
CA PRO H 112 -20.37 16.38 5.22
C PRO H 112 -21.37 17.42 4.68
N HIS H 113 -20.97 18.29 3.74
CA HIS H 113 -21.82 19.35 3.20
C HIS H 113 -22.07 19.12 1.68
N PRO H 114 -23.16 18.41 1.31
CA PRO H 114 -23.40 18.09 -0.12
C PRO H 114 -23.78 19.28 -1.03
N PHE H 115 -24.00 20.46 -0.44
CA PHE H 115 -24.33 21.71 -1.13
C PHE H 115 -23.07 22.61 -1.31
N MET H 116 -21.91 22.15 -0.77
CA MET H 116 -20.63 22.84 -0.82
C MET H 116 -19.81 22.38 -2.05
N PHE H 117 -19.47 23.33 -2.94
CA PHE H 117 -18.71 23.04 -4.15
C PHE H 117 -17.65 24.07 -4.50
N GLY H 118 -16.64 23.60 -5.22
CA GLY H 118 -15.53 24.39 -5.73
C GLY H 118 -15.18 23.93 -7.12
N THR H 119 -14.31 24.70 -7.78
CA THR H 119 -13.92 24.42 -9.15
C THR H 119 -12.42 24.57 -9.29
N ILE H 120 -11.83 23.65 -10.04
CA ILE H 120 -10.43 23.66 -10.47
C ILE H 120 -10.45 23.69 -11.98
N VAL H 121 -9.76 24.66 -12.56
CA VAL H 121 -9.60 24.76 -14.01
C VAL H 121 -8.15 24.39 -14.29
N VAL H 122 -7.92 23.29 -15.03
CA VAL H 122 -6.54 22.98 -15.38
C VAL H 122 -6.40 23.38 -16.86
N LYS H 123 -5.51 24.35 -17.08
CA LYS H 123 -5.27 24.99 -18.37
C LYS H 123 -4.36 24.18 -19.25
N GLU H 124 -4.60 24.25 -20.55
CA GLU H 124 -3.85 23.56 -21.60
C GLU H 124 -2.43 24.10 -21.71
#